data_2FHR
#
_entry.id   2FHR
#
_cell.length_a   74.873
_cell.length_b   95.007
_cell.length_c   110.751
_cell.angle_alpha   90.00
_cell.angle_beta   90.00
_cell.angle_gamma   90.00
#
_symmetry.space_group_name_H-M   'P 21 21 21'
#
loop_
_entity.id
_entity.type
_entity.pdbx_description
1 polymer sialidase
2 non-polymer 'SULFATE ION'
3 non-polymer '5-acetamido-3,5-dideoxy-3-fluoro-D-erythro-alpha-L-manno-non-2-ulopyranosonic acid'
4 non-polymer GLYCEROL
5 water water
#
_entity_poly.entity_id   1
_entity_poly.type   'polypeptide(L)'
_entity_poly.pdbx_seq_one_letter_code
;MGGSHHHHHHGMASLAPGSSRVELFKRKNSTVPFEESNGTIRERVVHSFRIPTIVNVDGVMVAIADARYETSFDNSFIET
AVKYSVDDGATWNTQIAIKNSRASSVSRVMDATVIVKGNKLYILVGSFNKTRNSWTQHRDGSDWEPLLVVGEVTKSAANG
KTTATISWGKPVSLKPLFPAEFDGILTKEFIGGVGAAIVASNGNLVYPVQIADMGGRVFTKIMYSEDDGNTWKFAEGRSK
FGCSEPAVLEWEGKLIINNRVDGNRRLVYESSDMGKTWVEALGTLSHVWTNSPTSNQQDCQSSFVAVTIEGKRVMLFTHP
LNLKGRWMRDRLHLWMTDNQRIFDVGQISIGDENSGYSSVLYKDDKLYSLHEINTNDVYSLVFVRLIGELQLMKSVVRTW
KEEDNHLASICTPVVPATPPSKGGCGAAVPTAGLVGFLSHSANGSVWEDVYRCVDANVANAERVPNGLKFNGVGGGAVWP
VARQGQTRRYQFANYRFTLVATVTIDELPKGTSPLLGAGLEGPGDAKLLGLSYDKNRQWRPLYGAAPASPTGSWELHKKY
HVVLTMADRQGSVYVDGQPLAGSGNTVVRGATLPDISHFYIGGPRSKGAPTDSRVTVTNVVLYNRRLNSSEIRTLFLSQD
MIGTDGGAGTAA
;
_entity_poly.pdbx_strand_id   A
#
loop_
_chem_comp.id
_chem_comp.type
_chem_comp.name
_chem_comp.formula
FSI D-saccharide, beta linking '5-acetamido-3,5-dideoxy-3-fluoro-D-erythro-alpha-L-manno-non-2-ulopyranosonic acid' 'C11 H18 F N O9'
GOL non-polymer GLYCEROL 'C3 H8 O3'
SO4 non-polymer 'SULFATE ION' 'O4 S -2'
#
# COMPACT_ATOMS: atom_id res chain seq x y z
N SER A 14 -10.39 -16.08 3.05
CA SER A 14 -9.19 -16.99 3.15
C SER A 14 -8.72 -17.33 1.74
N LEU A 15 -7.51 -17.89 1.65
CA LEU A 15 -7.00 -18.54 0.41
C LEU A 15 -8.13 -18.99 -0.49
N ALA A 16 -8.11 -18.45 -1.71
CA ALA A 16 -9.18 -18.57 -2.65
C ALA A 16 -9.34 -19.98 -3.18
N PRO A 17 -10.56 -20.33 -3.60
CA PRO A 17 -10.74 -21.54 -4.41
C PRO A 17 -9.80 -21.58 -5.64
N GLY A 18 -9.22 -22.78 -5.86
CA GLY A 18 -8.18 -22.99 -6.90
C GLY A 18 -6.77 -22.95 -6.33
N SER A 19 -6.59 -22.18 -5.26
CA SER A 19 -5.31 -21.98 -4.64
C SER A 19 -5.04 -23.08 -3.61
N SER A 20 -3.74 -23.24 -3.34
CA SER A 20 -3.25 -24.28 -2.46
C SER A 20 -1.91 -23.81 -1.92
N ARG A 21 -1.48 -24.48 -0.85
CA ARG A 21 -0.21 -24.24 -0.26
C ARG A 21 0.43 -25.53 0.37
N VAL A 22 1.72 -25.45 0.58
CA VAL A 22 2.43 -26.39 1.45
C VAL A 22 3.29 -25.65 2.53
N GLU A 23 3.48 -26.35 3.65
CA GLU A 23 4.51 -26.00 4.64
C GLU A 23 5.90 -26.33 4.07
N LEU A 24 6.57 -25.34 3.49
CA LEU A 24 7.81 -25.57 2.77
C LEU A 24 8.97 -25.61 3.76
N PHE A 25 8.92 -24.72 4.76
CA PHE A 25 9.90 -24.71 5.88
C PHE A 25 9.12 -25.10 7.13
N LYS A 26 9.22 -26.38 7.51
CA LYS A 26 8.38 -26.94 8.55
C LYS A 26 9.06 -26.91 9.90
N ARG A 27 8.48 -26.14 10.81
CA ARG A 27 8.98 -26.04 12.18
C ARG A 27 9.13 -27.42 12.82
N LYS A 28 10.26 -27.61 13.51
CA LYS A 28 10.61 -28.86 14.19
C LYS A 28 10.48 -30.11 13.27
N ASN A 29 10.94 -29.99 12.06
CA ASN A 29 10.75 -31.02 11.09
C ASN A 29 11.81 -30.85 9.98
N SER A 30 11.73 -29.73 9.27
CA SER A 30 12.66 -29.44 8.20
C SER A 30 14.07 -29.36 8.74
N THR A 31 14.97 -30.17 8.18
CA THR A 31 16.36 -30.09 8.54
C THR A 31 17.05 -29.13 7.61
N VAL A 32 18.10 -28.51 8.12
CA VAL A 32 19.08 -27.75 7.34
C VAL A 32 20.51 -28.29 7.55
N PRO A 33 21.36 -28.22 6.49
CA PRO A 33 22.75 -28.70 6.64
C PRO A 33 23.63 -27.79 7.49
N PHE A 34 23.61 -27.97 8.80
CA PHE A 34 24.44 -27.13 9.69
C PHE A 34 25.91 -27.57 9.57
N GLU A 35 26.83 -26.62 9.46
CA GLU A 35 28.26 -26.95 9.41
C GLU A 35 28.86 -26.71 10.78
N GLU A 36 29.52 -27.71 11.32
CA GLU A 36 30.18 -27.59 12.62
C GLU A 36 31.51 -26.87 12.41
N SER A 37 32.10 -26.44 13.52
CA SER A 37 33.47 -25.86 13.55
C SER A 37 34.50 -26.70 12.80
N ASN A 38 34.47 -28.03 12.96
CA ASN A 38 35.42 -28.89 12.22
C ASN A 38 35.15 -29.02 10.71
N GLY A 39 33.96 -28.63 10.26
CA GLY A 39 33.67 -28.60 8.83
C GLY A 39 32.77 -29.75 8.39
N THR A 40 32.44 -30.62 9.33
CA THR A 40 31.46 -31.64 9.02
C THR A 40 30.01 -31.03 9.01
N ILE A 41 29.21 -31.54 8.08
CA ILE A 41 27.81 -31.14 7.92
C ILE A 41 26.91 -32.14 8.67
N ARG A 42 25.95 -31.64 9.45
CA ARG A 42 24.85 -32.48 9.92
C ARG A 42 23.50 -31.83 9.70
N GLU A 43 22.57 -32.61 9.17
CA GLU A 43 21.20 -32.22 9.16
C GLU A 43 20.79 -31.89 10.60
N ARG A 44 20.35 -30.63 10.79
CA ARG A 44 19.95 -30.12 12.08
C ARG A 44 18.48 -29.62 11.96
N VAL A 45 17.62 -30.15 12.82
CA VAL A 45 16.22 -29.76 12.92
C VAL A 45 16.18 -28.32 13.49
N VAL A 46 15.16 -27.58 13.05
CA VAL A 46 15.07 -26.12 13.31
C VAL A 46 13.71 -25.87 13.96
N HIS A 47 13.72 -25.22 15.12
CA HIS A 47 12.52 -24.94 15.90
C HIS A 47 11.54 -24.07 15.09
N SER A 48 12.02 -22.92 14.63
CA SER A 48 11.20 -21.95 13.87
C SER A 48 11.85 -21.43 12.61
N PHE A 49 11.05 -21.27 11.57
CA PHE A 49 11.48 -20.55 10.36
C PHE A 49 10.70 -19.25 10.22
N ARG A 50 11.47 -18.16 10.15
CA ARG A 50 10.94 -16.79 10.17
C ARG A 50 11.53 -15.92 9.09
N ILE A 51 10.89 -14.79 8.87
CA ILE A 51 11.45 -13.70 8.06
C ILE A 51 11.77 -14.13 6.61
N PRO A 52 10.70 -14.59 5.88
CA PRO A 52 10.79 -15.13 4.53
C PRO A 52 10.93 -14.08 3.43
N THR A 53 11.73 -14.41 2.39
CA THR A 53 11.72 -13.71 1.13
C THR A 53 11.74 -14.78 0.01
N ILE A 54 10.88 -14.66 -1.02
CA ILE A 54 11.04 -15.55 -2.13
C ILE A 54 11.27 -14.72 -3.36
N VAL A 55 12.30 -15.05 -4.11
CA VAL A 55 12.57 -14.35 -5.38
C VAL A 55 12.88 -15.27 -6.56
N ASN A 56 12.86 -14.69 -7.76
CA ASN A 56 13.26 -15.38 -8.98
C ASN A 56 14.65 -14.94 -9.44
N VAL A 57 15.55 -15.88 -9.61
CA VAL A 57 16.85 -15.58 -10.21
C VAL A 57 16.99 -16.42 -11.43
N ASP A 58 16.73 -15.81 -12.59
CA ASP A 58 17.09 -16.38 -13.88
C ASP A 58 16.36 -17.72 -14.07
N GLY A 59 15.08 -17.79 -13.69
CA GLY A 59 14.24 -19.01 -13.80
C GLY A 59 14.30 -19.93 -12.58
N VAL A 60 15.05 -19.50 -11.56
CA VAL A 60 15.23 -20.34 -10.38
C VAL A 60 14.58 -19.65 -9.20
N MET A 61 13.64 -20.31 -8.52
CA MET A 61 13.01 -19.76 -7.30
C MET A 61 14.01 -19.88 -6.15
N VAL A 62 14.25 -18.78 -5.44
CA VAL A 62 15.07 -18.76 -4.25
C VAL A 62 14.30 -18.17 -3.04
N ALA A 63 14.22 -18.97 -1.99
CA ALA A 63 13.45 -18.72 -0.79
C ALA A 63 14.44 -18.62 0.31
N ILE A 64 14.46 -17.50 1.02
CA ILE A 64 15.46 -17.18 2.02
C ILE A 64 14.72 -17.03 3.36
N ALA A 65 15.32 -17.55 4.44
CA ALA A 65 14.68 -17.45 5.75
C ALA A 65 15.70 -17.47 6.93
N ASP A 66 15.27 -16.97 8.09
CA ASP A 66 15.96 -17.20 9.33
C ASP A 66 15.66 -18.66 9.67
N ALA A 67 16.70 -19.44 9.92
CA ALA A 67 16.60 -20.72 10.63
C ALA A 67 16.90 -20.43 12.09
N ARG A 68 15.84 -20.33 12.90
CA ARG A 68 15.92 -20.08 14.33
C ARG A 68 15.97 -21.48 14.98
N TYR A 69 17.19 -21.93 15.25
CA TYR A 69 17.39 -23.33 15.58
C TYR A 69 16.72 -23.79 16.83
N GLU A 70 16.84 -22.99 17.89
CA GLU A 70 16.46 -23.39 19.24
C GLU A 70 15.15 -22.75 19.73
N THR A 71 14.86 -21.52 19.31
CA THR A 71 13.68 -20.81 19.75
C THR A 71 13.25 -19.87 18.63
N SER A 72 12.04 -19.33 18.75
CA SER A 72 11.54 -18.31 17.85
C SER A 72 12.04 -16.89 18.22
N PHE A 73 12.63 -16.74 19.41
N PHE A 73 12.68 -16.77 19.39
CA PHE A 73 12.94 -15.40 19.90
CA PHE A 73 13.12 -15.49 19.98
C PHE A 73 14.07 -14.79 19.07
C PHE A 73 14.14 -14.80 19.08
N ASP A 74 13.98 -13.48 18.91
CA ASP A 74 14.90 -12.71 18.07
C ASP A 74 16.36 -12.89 18.50
N ASN A 75 16.64 -12.84 19.80
N ASN A 75 16.53 -12.84 19.84
CA ASN A 75 18.05 -12.80 20.22
CA ASN A 75 17.81 -12.99 20.54
C ASN A 75 18.56 -14.19 20.66
C ASN A 75 18.18 -14.44 20.74
N SER A 76 18.63 -15.09 19.67
CA SER A 76 18.84 -16.49 19.77
C SER A 76 19.70 -16.94 18.61
N PHE A 77 19.97 -18.23 18.57
CA PHE A 77 20.91 -18.79 17.62
C PHE A 77 20.21 -18.97 16.28
N ILE A 78 20.66 -18.19 15.29
CA ILE A 78 20.05 -18.11 13.97
C ILE A 78 21.07 -18.06 12.82
N GLU A 79 20.72 -18.74 11.71
CA GLU A 79 21.47 -18.71 10.43
C GLU A 79 20.51 -18.60 9.24
N THR A 80 21.04 -18.10 8.14
CA THR A 80 20.24 -17.79 6.98
C THR A 80 20.15 -19.02 6.10
N ALA A 81 18.94 -19.60 6.05
CA ALA A 81 18.66 -20.73 5.23
C ALA A 81 18.13 -20.29 3.90
N VAL A 82 18.35 -21.13 2.91
CA VAL A 82 17.82 -20.97 1.56
C VAL A 82 17.25 -22.30 1.04
N LYS A 83 16.13 -22.26 0.32
CA LYS A 83 15.66 -23.41 -0.46
C LYS A 83 15.48 -22.91 -1.88
N TYR A 84 15.88 -23.70 -2.88
CA TYR A 84 15.83 -23.24 -4.27
C TYR A 84 15.31 -24.37 -5.10
N SER A 85 14.65 -24.00 -6.18
CA SER A 85 13.96 -24.93 -7.06
C SER A 85 14.07 -24.42 -8.46
N VAL A 86 14.13 -25.36 -9.39
CA VAL A 86 14.14 -25.11 -10.82
C VAL A 86 12.90 -25.69 -11.51
N ASP A 87 12.01 -26.29 -10.72
CA ASP A 87 10.77 -26.85 -11.25
C ASP A 87 9.53 -26.18 -10.59
N ASP A 88 9.68 -24.89 -10.32
CA ASP A 88 8.68 -24.07 -9.64
C ASP A 88 8.08 -24.70 -8.42
N GLY A 89 8.92 -25.21 -7.54
CA GLY A 89 8.44 -25.69 -6.26
C GLY A 89 7.97 -27.12 -6.24
N ALA A 90 8.30 -27.87 -7.30
CA ALA A 90 8.07 -29.29 -7.28
C ALA A 90 9.10 -29.91 -6.37
N THR A 91 10.35 -29.50 -6.53
CA THR A 91 11.42 -29.95 -5.67
C THR A 91 12.34 -28.77 -5.30
N TRP A 92 13.01 -28.93 -4.16
CA TRP A 92 13.83 -27.91 -3.58
C TRP A 92 15.12 -28.52 -3.07
N ASN A 93 16.22 -27.76 -3.15
CA ASN A 93 17.43 -28.08 -2.46
C ASN A 93 17.62 -27.04 -1.37
N THR A 94 18.30 -27.44 -0.32
CA THR A 94 18.33 -26.70 0.91
C THR A 94 19.80 -26.36 1.25
N GLN A 95 20.01 -25.17 1.83
CA GLN A 95 21.34 -24.69 2.14
C GLN A 95 21.26 -23.81 3.36
N ILE A 96 22.37 -23.71 4.08
CA ILE A 96 22.62 -22.51 4.87
C ILE A 96 23.47 -21.57 4.00
N ALA A 97 22.92 -20.43 3.62
CA ALA A 97 23.61 -19.50 2.76
C ALA A 97 24.64 -18.69 3.55
N ILE A 98 24.28 -18.41 4.81
CA ILE A 98 25.06 -17.55 5.67
C ILE A 98 25.11 -18.12 7.06
N LYS A 99 26.33 -18.35 7.55
CA LYS A 99 26.62 -18.85 8.88
C LYS A 99 26.75 -17.70 9.84
N ASN A 100 26.35 -17.88 11.09
CA ASN A 100 26.58 -16.88 12.14
C ASN A 100 28.04 -16.99 12.66
N SER A 101 28.46 -16.08 13.54
CA SER A 101 29.82 -16.03 14.03
C SER A 101 30.25 -17.19 14.98
N ARG A 102 29.30 -17.80 15.67
CA ARG A 102 29.62 -18.88 16.59
C ARG A 102 30.34 -18.36 17.85
N ALA A 103 30.22 -17.07 18.13
CA ALA A 103 30.76 -16.45 19.37
C ALA A 103 30.06 -16.85 20.62
N SER A 104 28.79 -17.26 20.51
CA SER A 104 28.00 -17.60 21.66
C SER A 104 26.73 -18.36 21.26
N SER A 105 25.95 -18.70 22.28
CA SER A 105 24.70 -19.46 22.16
C SER A 105 23.54 -18.68 21.53
N VAL A 106 23.73 -17.37 21.36
CA VAL A 106 22.75 -16.46 20.72
C VAL A 106 23.34 -15.72 19.49
N SER A 107 24.44 -16.24 18.92
CA SER A 107 25.04 -15.63 17.77
C SER A 107 24.02 -15.79 16.70
N ARG A 108 23.93 -14.81 15.81
CA ARG A 108 22.87 -14.84 14.84
C ARG A 108 23.14 -13.98 13.64
N VAL A 109 22.64 -14.45 12.48
CA VAL A 109 22.55 -13.67 11.25
C VAL A 109 21.06 -13.68 10.96
N MET A 110 20.49 -12.50 10.69
CA MET A 110 19.06 -12.40 10.63
C MET A 110 18.55 -11.22 9.80
N ASP A 111 17.32 -11.34 9.35
CA ASP A 111 16.57 -10.26 8.79
C ASP A 111 17.10 -9.84 7.40
N ALA A 112 17.32 -10.88 6.61
CA ALA A 112 17.66 -10.85 5.21
C ALA A 112 16.84 -9.92 4.32
N THR A 113 17.59 -9.06 3.63
CA THR A 113 17.08 -8.10 2.67
C THR A 113 17.81 -8.53 1.38
N VAL A 114 17.02 -8.80 0.33
CA VAL A 114 17.52 -9.43 -0.92
C VAL A 114 17.38 -8.58 -2.17
N ILE A 115 18.48 -8.50 -2.94
CA ILE A 115 18.44 -7.91 -4.32
C ILE A 115 18.91 -8.92 -5.37
N VAL A 116 18.11 -9.07 -6.40
CA VAL A 116 18.43 -9.91 -7.57
C VAL A 116 18.86 -8.98 -8.71
N LYS A 117 20.11 -9.20 -9.14
CA LYS A 117 20.62 -8.63 -10.40
C LYS A 117 21.34 -9.74 -11.23
N GLY A 118 20.76 -10.09 -12.36
CA GLY A 118 21.30 -11.11 -13.25
C GLY A 118 21.17 -12.44 -12.52
N ASN A 119 22.25 -13.23 -12.51
CA ASN A 119 22.26 -14.51 -11.86
C ASN A 119 22.79 -14.36 -10.47
N LYS A 120 22.84 -13.11 -9.99
CA LYS A 120 23.38 -12.83 -8.62
C LYS A 120 22.33 -12.40 -7.60
N LEU A 121 22.44 -12.92 -6.40
CA LEU A 121 21.70 -12.41 -5.26
C LEU A 121 22.58 -11.70 -4.28
N TYR A 122 22.11 -10.54 -3.83
CA TYR A 122 22.77 -9.78 -2.78
C TYR A 122 21.91 -9.80 -1.51
N ILE A 123 22.51 -10.35 -0.44
CA ILE A 123 21.82 -10.54 0.81
C ILE A 123 22.51 -9.73 1.86
N LEU A 124 21.71 -8.85 2.48
CA LEU A 124 22.11 -8.07 3.63
C LEU A 124 21.43 -8.60 4.90
N VAL A 125 22.25 -8.98 5.88
CA VAL A 125 21.78 -9.40 7.19
C VAL A 125 22.46 -8.60 8.29
N GLY A 126 21.81 -8.52 9.46
CA GLY A 126 22.45 -8.04 10.71
C GLY A 126 23.09 -9.23 11.41
N SER A 127 24.34 -9.10 11.82
CA SER A 127 25.04 -10.19 12.50
C SER A 127 25.31 -9.70 13.89
N PHE A 128 25.03 -10.53 14.88
CA PHE A 128 25.20 -10.19 16.30
C PHE A 128 25.89 -11.37 16.98
N ASN A 129 26.68 -11.10 18.02
CA ASN A 129 27.65 -12.11 18.58
C ASN A 129 27.14 -12.69 19.89
N LYS A 130 26.61 -11.83 20.76
CA LYS A 130 26.20 -12.23 22.12
C LYS A 130 25.14 -11.39 22.83
N THR A 131 24.53 -10.35 22.22
CA THR A 131 23.50 -9.61 22.97
C THR A 131 22.22 -10.44 23.11
N ARG A 132 21.58 -10.31 24.25
CA ARG A 132 20.32 -10.99 24.53
C ARG A 132 19.16 -10.00 24.59
N ASN A 133 19.46 -8.72 24.41
CA ASN A 133 18.43 -7.74 24.16
C ASN A 133 18.40 -7.16 22.71
N SER A 134 17.42 -6.29 22.53
CA SER A 134 16.97 -5.86 21.25
C SER A 134 17.87 -4.79 20.62
N TRP A 135 18.09 -4.90 19.32
CA TRP A 135 19.11 -4.08 18.65
C TRP A 135 18.95 -2.58 18.90
N THR A 136 17.73 -2.09 18.85
CA THR A 136 17.48 -0.66 19.09
C THR A 136 17.86 -0.24 20.49
N GLN A 137 17.95 -1.22 21.38
CA GLN A 137 18.24 -1.00 22.79
C GLN A 137 19.67 -1.23 23.19
N HIS A 138 20.54 -1.63 22.26
CA HIS A 138 21.93 -1.90 22.63
C HIS A 138 22.55 -0.57 23.10
N ARG A 139 23.63 -0.67 23.89
CA ARG A 139 24.37 0.51 24.39
C ARG A 139 25.19 1.12 23.35
N ASP A 140 25.70 0.29 22.45
CA ASP A 140 26.44 0.79 21.28
C ASP A 140 26.36 -0.27 20.18
N GLY A 141 27.14 -0.08 19.13
CA GLY A 141 27.08 -0.95 17.96
C GLY A 141 28.08 -2.07 17.97
N SER A 142 28.68 -2.32 19.13
CA SER A 142 29.89 -3.20 19.23
C SER A 142 29.52 -4.67 19.06
N ASP A 143 28.27 -5.01 19.33
CA ASP A 143 27.84 -6.42 19.12
C ASP A 143 27.45 -6.75 17.69
N TRP A 144 27.49 -5.75 16.81
CA TRP A 144 26.69 -5.76 15.57
C TRP A 144 27.56 -5.64 14.32
N GLU A 145 27.17 -6.34 13.29
CA GLU A 145 27.73 -6.11 11.98
C GLU A 145 26.67 -6.27 10.86
N PRO A 146 26.66 -5.32 9.91
CA PRO A 146 25.88 -5.46 8.71
C PRO A 146 26.66 -6.24 7.71
N LEU A 147 26.19 -7.44 7.34
CA LEU A 147 26.89 -8.32 6.41
C LEU A 147 26.23 -8.43 5.05
N LEU A 148 27.05 -8.21 4.02
CA LEU A 148 26.68 -8.44 2.63
C LEU A 148 27.27 -9.77 2.13
N VAL A 149 26.41 -10.58 1.53
CA VAL A 149 26.76 -11.84 0.99
C VAL A 149 26.23 -11.90 -0.47
N VAL A 150 27.10 -12.29 -1.41
CA VAL A 150 26.71 -12.51 -2.79
C VAL A 150 26.58 -14.00 -3.08
N GLY A 151 25.45 -14.36 -3.63
CA GLY A 151 25.20 -15.67 -4.14
C GLY A 151 25.24 -15.56 -5.64
N GLU A 152 25.71 -16.60 -6.32
CA GLU A 152 25.64 -16.68 -7.78
C GLU A 152 24.90 -17.96 -8.18
N VAL A 153 23.87 -17.81 -8.99
CA VAL A 153 23.08 -18.95 -9.47
C VAL A 153 23.56 -19.42 -10.83
N THR A 154 23.87 -20.72 -10.91
CA THR A 154 24.32 -21.38 -12.15
C THR A 154 23.45 -22.56 -12.64
N LYS A 155 22.91 -22.45 -13.83
CA LYS A 155 22.06 -23.49 -14.36
C LYS A 155 22.81 -24.35 -15.31
N SER A 156 22.24 -25.53 -15.60
CA SER A 156 22.73 -26.42 -16.69
C SER A 156 21.84 -27.64 -16.84
N ALA A 157 21.62 -28.04 -18.09
CA ALA A 157 20.83 -29.24 -18.37
C ALA A 157 21.65 -30.44 -18.94
N ALA A 158 21.58 -31.57 -18.23
CA ALA A 158 21.92 -32.90 -18.78
C ALA A 158 20.68 -33.81 -18.84
N ASN A 159 20.47 -34.38 -20.05
CA ASN A 159 19.52 -35.48 -20.31
C ASN A 159 18.10 -34.95 -20.28
N GLY A 160 17.91 -33.77 -20.88
CA GLY A 160 16.68 -32.98 -20.73
C GLY A 160 16.73 -32.22 -19.42
N LYS A 161 16.68 -32.96 -18.29
CA LYS A 161 16.63 -32.39 -16.94
C LYS A 161 17.53 -31.14 -16.78
N THR A 162 16.95 -30.11 -16.17
CA THR A 162 17.67 -28.89 -15.78
C THR A 162 18.05 -29.01 -14.29
N THR A 163 19.24 -28.56 -13.98
CA THR A 163 19.75 -28.52 -12.62
C THR A 163 20.19 -27.09 -12.31
N ALA A 164 20.47 -26.79 -11.06
CA ALA A 164 21.14 -25.55 -10.73
C ALA A 164 21.91 -25.70 -9.43
N THR A 165 22.86 -24.82 -9.24
CA THR A 165 23.58 -24.73 -8.00
C THR A 165 23.62 -23.25 -7.63
N ILE A 166 23.85 -22.94 -6.36
CA ILE A 166 24.08 -21.55 -5.96
C ILE A 166 25.27 -21.57 -5.05
N SER A 167 26.22 -20.72 -5.36
CA SER A 167 27.40 -20.67 -4.57
C SER A 167 27.32 -19.37 -3.86
N TRP A 168 27.67 -19.39 -2.59
CA TRP A 168 27.61 -18.25 -1.67
C TRP A 168 29.00 -17.83 -1.33
N GLY A 169 29.30 -16.55 -1.52
CA GLY A 169 30.56 -16.00 -1.11
C GLY A 169 30.67 -15.69 0.38
N LYS A 170 31.89 -15.34 0.75
CA LYS A 170 32.30 -14.88 2.07
C LYS A 170 31.58 -13.54 2.38
N PRO A 171 31.03 -13.41 3.58
CA PRO A 171 30.43 -12.15 3.93
C PRO A 171 31.45 -11.03 4.11
N VAL A 172 31.03 -9.84 3.69
CA VAL A 172 31.73 -8.57 3.86
C VAL A 172 30.92 -7.70 4.85
N SER A 173 31.53 -7.33 5.97
CA SER A 173 31.00 -6.24 6.85
C SER A 173 31.01 -4.86 6.14
N LEU A 174 29.86 -4.18 6.12
CA LEU A 174 29.79 -2.78 5.67
C LEU A 174 29.89 -1.83 6.86
N LYS A 175 30.36 -2.29 8.01
CA LYS A 175 30.45 -1.38 9.15
C LYS A 175 31.32 -0.16 8.83
N PRO A 176 32.53 -0.36 8.26
CA PRO A 176 33.36 0.85 7.92
C PRO A 176 32.68 1.89 6.98
N LEU A 177 31.70 1.49 6.17
CA LEU A 177 31.00 2.46 5.32
C LEU A 177 29.96 3.27 6.12
N PHE A 178 29.76 2.96 7.39
CA PHE A 178 28.60 3.53 8.11
C PHE A 178 28.99 4.81 8.83
N PRO A 179 28.42 5.96 8.42
CA PRO A 179 28.82 7.19 9.08
C PRO A 179 28.46 7.16 10.55
N ALA A 180 29.26 7.84 11.35
CA ALA A 180 28.98 8.01 12.75
C ALA A 180 27.80 8.95 13.04
N GLU A 181 27.33 9.71 12.04
N GLU A 181 27.33 9.68 12.01
CA GLU A 181 26.38 10.75 12.27
CA GLU A 181 26.45 10.80 12.22
C GLU A 181 25.60 11.01 10.98
C GLU A 181 25.61 11.03 10.95
N PHE A 182 24.36 11.41 11.11
CA PHE A 182 23.55 11.92 9.97
C PHE A 182 22.96 13.18 10.53
N ASP A 183 23.23 14.33 9.92
CA ASP A 183 22.65 15.61 10.39
C ASP A 183 22.68 15.77 11.90
N GLY A 184 23.83 15.42 12.50
CA GLY A 184 24.04 15.58 13.92
C GLY A 184 23.54 14.37 14.69
N ILE A 185 22.62 13.59 14.11
CA ILE A 185 22.12 12.38 14.80
C ILE A 185 23.28 11.37 14.86
N LEU A 186 23.57 10.86 16.04
CA LEU A 186 24.65 9.91 16.19
C LEU A 186 24.20 8.49 16.04
N THR A 187 24.86 7.76 15.17
CA THR A 187 24.39 6.48 14.71
C THR A 187 24.80 5.34 15.64
N LYS A 188 24.02 4.26 15.63
CA LYS A 188 24.34 3.10 16.46
C LYS A 188 24.50 1.82 15.62
N GLU A 189 23.47 1.51 14.84
CA GLU A 189 23.36 0.30 14.05
C GLU A 189 22.41 0.52 12.87
N PHE A 190 22.51 -0.33 11.86
CA PHE A 190 21.51 -0.38 10.79
C PHE A 190 21.33 -1.78 10.28
N ILE A 191 20.15 -2.08 9.75
CA ILE A 191 19.97 -3.32 9.04
C ILE A 191 19.15 -3.03 7.80
N GLY A 192 19.04 -4.00 6.90
CA GLY A 192 18.14 -3.85 5.76
C GLY A 192 16.70 -3.79 6.23
N GLY A 193 15.81 -3.31 5.38
CA GLY A 193 14.40 -3.21 5.70
C GLY A 193 13.65 -4.52 5.74
N VAL A 194 14.29 -5.60 5.29
CA VAL A 194 13.72 -6.92 5.29
C VAL A 194 12.89 -7.17 4.04
N GLY A 195 13.12 -8.32 3.42
CA GLY A 195 12.41 -8.66 2.20
C GLY A 195 13.14 -8.32 0.93
N ALA A 196 12.39 -8.33 -0.16
CA ALA A 196 12.93 -8.12 -1.47
C ALA A 196 13.10 -6.65 -1.74
N ALA A 197 14.38 -6.25 -1.97
CA ALA A 197 14.66 -4.89 -2.40
C ALA A 197 14.87 -4.84 -3.94
N ILE A 198 15.50 -3.80 -4.48
CA ILE A 198 15.43 -3.60 -5.91
C ILE A 198 16.76 -3.21 -6.59
N VAL A 199 16.80 -3.52 -7.90
CA VAL A 199 17.72 -2.87 -8.81
C VAL A 199 16.93 -1.74 -9.43
N ALA A 200 17.34 -0.47 -9.30
CA ALA A 200 16.59 0.62 -9.95
C ALA A 200 16.75 0.58 -11.52
N SER A 201 16.06 1.45 -12.22
CA SER A 201 16.07 1.45 -13.67
C SER A 201 17.44 1.88 -14.22
N ASN A 202 18.15 2.71 -13.45
CA ASN A 202 19.56 3.01 -13.72
C ASN A 202 20.63 1.98 -13.32
N GLY A 203 20.21 0.77 -12.95
CA GLY A 203 21.10 -0.30 -12.52
C GLY A 203 21.57 -0.22 -11.06
N ASN A 204 21.30 0.87 -10.37
CA ASN A 204 21.71 0.95 -8.96
C ASN A 204 21.12 -0.22 -8.13
N LEU A 205 21.95 -0.91 -7.35
CA LEU A 205 21.47 -1.71 -6.21
C LEU A 205 20.91 -0.75 -5.14
N VAL A 206 19.63 -0.90 -4.79
CA VAL A 206 18.98 -0.01 -3.82
C VAL A 206 18.42 -0.83 -2.61
N TYR A 207 19.03 -0.59 -1.44
CA TYR A 207 18.56 -1.16 -0.17
C TYR A 207 17.85 -0.09 0.62
N PRO A 208 16.56 -0.32 1.03
CA PRO A 208 16.01 0.60 2.06
C PRO A 208 16.59 0.15 3.38
N VAL A 209 17.10 1.05 4.21
CA VAL A 209 17.64 0.59 5.48
C VAL A 209 16.94 1.19 6.71
N GLN A 210 17.04 0.42 7.79
CA GLN A 210 16.56 0.86 9.04
C GLN A 210 17.75 1.15 9.96
N ILE A 211 17.70 2.31 10.59
CA ILE A 211 18.78 2.85 11.40
C ILE A 211 18.27 3.24 12.79
N ALA A 212 19.10 2.88 13.77
CA ALA A 212 18.93 3.16 15.20
C ALA A 212 19.96 4.16 15.58
N ASP A 213 19.55 5.25 16.21
CA ASP A 213 20.47 6.21 16.78
C ASP A 213 20.83 5.80 18.23
N MET A 214 21.80 6.50 18.82
CA MET A 214 22.34 6.10 20.12
C MET A 214 21.26 5.99 21.17
N GLY A 215 20.36 6.99 21.12
CA GLY A 215 19.08 6.98 21.85
C GLY A 215 18.13 5.83 21.63
N GLY A 216 18.30 5.08 20.57
CA GLY A 216 17.36 4.02 20.26
C GLY A 216 16.22 4.51 19.38
N ARG A 217 16.22 5.77 18.95
CA ARG A 217 15.24 6.21 17.93
C ARG A 217 15.44 5.45 16.63
N VAL A 218 14.39 5.20 15.87
CA VAL A 218 14.52 4.46 14.59
C VAL A 218 14.00 5.28 13.40
N PHE A 219 14.79 5.36 12.32
CA PHE A 219 14.36 6.04 11.11
C PHE A 219 14.91 5.29 9.95
N THR A 220 14.43 5.64 8.74
CA THR A 220 14.82 4.91 7.53
C THR A 220 15.46 5.79 6.49
N LYS A 221 16.26 5.15 5.63
CA LYS A 221 17.04 5.80 4.59
C LYS A 221 17.28 4.86 3.45
N ILE A 222 17.86 5.40 2.38
CA ILE A 222 18.27 4.59 1.25
C ILE A 222 19.83 4.43 1.26
N MET A 223 20.26 3.18 1.07
CA MET A 223 21.68 2.85 0.88
C MET A 223 21.84 2.17 -0.47
N TYR A 224 22.62 2.79 -1.32
CA TYR A 224 22.66 2.35 -2.70
C TYR A 224 24.10 2.21 -3.21
N SER A 225 24.24 1.37 -4.24
CA SER A 225 25.48 1.14 -4.93
C SER A 225 25.34 1.35 -6.43
N GLU A 226 26.24 2.13 -7.00
CA GLU A 226 26.29 2.35 -8.42
C GLU A 226 27.17 1.38 -9.18
N ASP A 227 27.78 0.43 -8.47
CA ASP A 227 28.86 -0.33 -8.99
C ASP A 227 28.80 -1.81 -8.60
N ASP A 228 27.57 -2.33 -8.67
CA ASP A 228 27.23 -3.74 -8.43
C ASP A 228 27.79 -4.23 -7.13
N GLY A 229 27.84 -3.32 -6.15
CA GLY A 229 28.03 -3.70 -4.80
C GLY A 229 29.43 -3.56 -4.30
N ASN A 230 30.34 -2.94 -5.06
CA ASN A 230 31.67 -2.69 -4.55
C ASN A 230 31.65 -1.61 -3.49
N THR A 231 31.00 -0.50 -3.76
CA THR A 231 30.84 0.58 -2.78
C THR A 231 29.35 0.97 -2.56
N TRP A 232 29.11 1.69 -1.47
CA TRP A 232 27.76 2.00 -0.98
C TRP A 232 27.68 3.41 -0.46
N LYS A 233 26.57 4.06 -0.73
CA LYS A 233 26.33 5.41 -0.37
C LYS A 233 25.01 5.51 0.40
N PHE A 234 24.97 6.32 1.45
CA PHE A 234 23.73 6.62 2.13
C PHE A 234 23.17 7.93 1.62
N ALA A 235 21.98 7.87 1.02
CA ALA A 235 21.37 9.06 0.51
C ALA A 235 20.99 10.02 1.67
N GLU A 236 20.77 11.29 1.35
CA GLU A 236 20.56 12.33 2.33
C GLU A 236 19.23 12.37 3.07
N GLY A 237 18.15 11.93 2.42
CA GLY A 237 16.82 12.05 2.99
C GLY A 237 16.58 10.98 4.02
N ARG A 238 15.54 11.16 4.81
CA ARG A 238 15.13 10.06 5.71
C ARG A 238 13.69 10.15 6.09
N SER A 239 13.16 9.15 6.77
CA SER A 239 11.83 9.16 7.35
C SER A 239 11.74 9.96 8.61
N LYS A 240 10.50 10.21 9.05
CA LYS A 240 10.25 10.58 10.45
C LYS A 240 10.82 9.45 11.32
N PHE A 241 11.13 9.83 12.54
CA PHE A 241 11.45 8.89 13.57
C PHE A 241 10.21 8.01 13.75
N GLY A 242 10.44 6.73 14.02
CA GLY A 242 9.38 5.77 14.34
C GLY A 242 9.07 4.82 13.23
N CYS A 243 9.79 4.98 12.10
CA CYS A 243 9.68 4.11 10.92
C CYS A 243 10.74 3.05 10.93
N SER A 244 10.35 1.84 10.59
CA SER A 244 11.20 0.65 10.56
C SER A 244 10.87 -0.21 9.36
N GLU A 245 11.64 -1.28 9.23
CA GLU A 245 11.56 -2.31 8.21
C GLU A 245 10.99 -1.75 6.89
N PRO A 246 11.70 -0.82 6.28
CA PRO A 246 11.18 -0.19 5.06
C PRO A 246 11.21 -1.14 3.85
N ALA A 247 10.17 -1.06 3.02
CA ALA A 247 10.13 -1.74 1.75
C ALA A 247 10.16 -0.67 0.63
N VAL A 248 10.91 -0.95 -0.42
CA VAL A 248 11.04 -0.04 -1.57
C VAL A 248 10.70 -0.74 -2.89
N LEU A 249 10.02 0.01 -3.76
CA LEU A 249 9.91 -0.27 -5.20
C LEU A 249 10.10 1.03 -5.97
N GLU A 250 10.22 0.90 -7.27
CA GLU A 250 10.31 2.04 -8.15
C GLU A 250 9.06 2.13 -8.99
N TRP A 251 8.56 3.34 -9.13
CA TRP A 251 7.34 3.59 -9.83
C TRP A 251 7.38 4.94 -10.54
N GLU A 252 7.25 4.90 -11.86
CA GLU A 252 7.27 6.12 -12.70
C GLU A 252 8.37 7.07 -12.30
N GLY A 253 9.60 6.53 -12.18
CA GLY A 253 10.75 7.35 -11.95
C GLY A 253 10.92 7.79 -10.51
N LYS A 254 10.28 7.12 -9.56
CA LYS A 254 10.42 7.49 -8.15
C LYS A 254 10.63 6.22 -7.36
N LEU A 255 11.44 6.33 -6.32
CA LEU A 255 11.43 5.33 -5.26
C LEU A 255 10.24 5.56 -4.33
N ILE A 256 9.52 4.51 -4.02
CA ILE A 256 8.43 4.54 -3.04
C ILE A 256 8.82 3.64 -1.89
N ILE A 257 8.91 4.26 -0.72
CA ILE A 257 9.38 3.61 0.55
C ILE A 257 8.20 3.54 1.51
N ASN A 258 7.79 2.32 1.75
CA ASN A 258 6.61 1.96 2.51
C ASN A 258 7.10 1.41 3.85
N ASN A 259 6.84 2.16 4.94
CA ASN A 259 7.45 1.88 6.26
C ASN A 259 6.53 1.18 7.28
N ARG A 260 7.13 0.28 8.07
CA ARG A 260 6.56 -0.21 9.28
C ARG A 260 6.51 0.92 10.30
N VAL A 261 5.42 1.09 11.04
CA VAL A 261 5.31 2.13 12.09
C VAL A 261 4.64 1.49 13.25
N ASP A 262 5.40 0.99 14.22
CA ASP A 262 4.72 0.46 15.42
C ASP A 262 3.84 1.55 16.05
N GLY A 263 2.61 1.24 16.35
CA GLY A 263 1.78 2.13 17.16
C GLY A 263 1.18 3.29 16.45
N ASN A 264 1.30 3.39 15.14
CA ASN A 264 0.52 4.33 14.35
C ASN A 264 0.44 3.86 12.88
N ARG A 265 -0.14 4.70 12.02
CA ARG A 265 -0.37 4.36 10.63
C ARG A 265 0.90 4.43 9.83
N ARG A 266 0.96 3.60 8.79
CA ARG A 266 2.15 3.41 8.00
C ARG A 266 2.42 4.61 7.08
N LEU A 267 3.63 5.14 7.18
CA LEU A 267 4.14 6.26 6.37
C LEU A 267 4.74 5.77 5.09
N VAL A 268 4.36 6.42 3.99
CA VAL A 268 4.92 6.11 2.71
C VAL A 268 5.54 7.44 2.20
N TYR A 269 6.74 7.34 1.63
CA TYR A 269 7.48 8.45 1.12
C TYR A 269 7.77 8.20 -0.34
N GLU A 270 7.98 9.28 -1.07
CA GLU A 270 8.52 9.20 -2.43
C GLU A 270 9.83 9.96 -2.58
N SER A 271 10.77 9.47 -3.42
CA SER A 271 11.97 10.21 -3.79
C SER A 271 12.27 10.06 -5.26
N SER A 272 12.53 11.16 -5.93
CA SER A 272 12.81 11.03 -7.33
C SER A 272 14.26 11.37 -7.67
N ASP A 273 15.12 11.54 -6.66
CA ASP A 273 16.53 11.83 -6.84
C ASP A 273 17.24 10.86 -6.03
N MET A 274 16.91 9.57 -6.23
CA MET A 274 17.67 8.45 -5.70
C MET A 274 17.87 8.54 -4.19
N GLY A 275 16.85 9.04 -3.47
CA GLY A 275 16.92 9.05 -2.03
C GLY A 275 17.36 10.35 -1.36
N LYS A 276 17.81 11.33 -2.14
CA LYS A 276 18.31 12.59 -1.58
C LYS A 276 17.20 13.37 -0.86
N THR A 277 16.04 13.48 -1.50
CA THR A 277 14.87 14.21 -1.01
C THR A 277 13.66 13.28 -0.91
N TRP A 278 13.08 13.14 0.30
CA TRP A 278 11.86 12.31 0.52
C TRP A 278 10.70 13.22 0.74
N VAL A 279 9.61 12.96 0.06
CA VAL A 279 8.34 13.67 0.16
C VAL A 279 7.26 12.61 0.57
N GLU A 280 6.59 12.83 1.68
CA GLU A 280 5.52 11.96 2.13
C GLU A 280 4.43 11.83 1.08
N ALA A 281 4.00 10.61 0.76
CA ALA A 281 2.97 10.32 -0.26
C ALA A 281 1.54 10.58 0.25
N LEU A 282 1.29 11.84 0.61
CA LEU A 282 0.03 12.25 1.14
C LEU A 282 -1.08 12.12 0.11
N GLY A 283 -0.69 12.20 -1.16
CA GLY A 283 -1.68 12.25 -2.21
C GLY A 283 -2.02 10.87 -2.78
N THR A 284 -1.42 9.79 -2.24
CA THR A 284 -1.62 8.46 -2.78
C THR A 284 -1.79 7.45 -1.64
N LEU A 285 -0.66 7.07 -1.06
CA LEU A 285 -0.54 5.88 -0.23
C LEU A 285 -0.20 6.08 1.25
N SER A 286 0.22 7.29 1.66
CA SER A 286 0.63 7.46 3.09
C SER A 286 -0.59 7.41 4.04
N HIS A 287 -0.45 6.67 5.14
CA HIS A 287 -1.55 6.42 6.17
C HIS A 287 -2.73 5.56 5.67
N VAL A 288 -2.65 4.95 4.48
CA VAL A 288 -3.70 4.05 4.01
C VAL A 288 -3.70 2.79 4.84
N TRP A 289 -2.53 2.20 5.07
CA TRP A 289 -2.42 0.92 5.77
C TRP A 289 -1.90 1.14 7.19
N THR A 290 -2.18 0.15 8.02
CA THR A 290 -1.91 0.30 9.47
C THR A 290 -1.73 -1.09 10.16
N ASN A 291 -1.59 -1.08 11.46
CA ASN A 291 -1.12 -2.24 12.23
C ASN A 291 -2.23 -3.11 12.79
N SER A 292 -3.45 -2.58 12.84
CA SER A 292 -4.58 -3.15 13.56
C SER A 292 -5.78 -2.23 13.32
N PRO A 293 -7.03 -2.71 13.66
CA PRO A 293 -8.20 -1.85 13.57
C PRO A 293 -8.07 -0.48 14.30
N THR A 294 -7.41 -0.45 15.47
CA THR A 294 -7.28 0.77 16.30
C THR A 294 -5.97 1.51 16.10
N SER A 295 -5.03 1.00 15.28
CA SER A 295 -3.76 1.70 14.90
C SER A 295 -2.72 1.86 16.03
N ASN A 296 -3.05 1.34 17.20
CA ASN A 296 -2.16 1.50 18.41
C ASN A 296 -1.32 0.24 18.79
N GLN A 297 -1.15 -0.67 17.84
CA GLN A 297 -0.51 -1.96 18.12
C GLN A 297 0.86 -2.07 17.43
N GLN A 298 1.64 -3.08 17.83
N GLN A 298 1.65 -3.08 17.83
CA GLN A 298 2.86 -3.42 17.09
CA GLN A 298 2.91 -3.40 17.14
C GLN A 298 2.46 -3.52 15.65
C GLN A 298 2.54 -3.59 15.69
N ASP A 299 3.31 -2.99 14.77
CA ASP A 299 3.10 -3.15 13.36
C ASP A 299 3.85 -4.40 12.93
N CYS A 300 3.95 -4.62 11.62
CA CYS A 300 4.47 -5.86 11.03
C CYS A 300 5.13 -5.48 9.72
N GLN A 301 6.17 -6.20 9.36
CA GLN A 301 6.79 -6.13 8.02
C GLN A 301 5.76 -6.46 6.92
N SER A 302 5.96 -5.86 5.76
CA SER A 302 5.12 -6.06 4.55
C SER A 302 6.02 -6.29 3.34
N SER A 303 5.55 -7.07 2.38
CA SER A 303 6.18 -7.07 1.08
C SER A 303 5.55 -5.98 0.27
N PHE A 304 6.34 -5.44 -0.65
CA PHE A 304 5.91 -4.31 -1.48
C PHE A 304 6.70 -4.39 -2.81
N VAL A 305 6.02 -4.87 -3.83
CA VAL A 305 6.60 -5.32 -5.08
C VAL A 305 5.84 -4.76 -6.29
N ALA A 306 6.57 -4.14 -7.22
CA ALA A 306 6.01 -3.72 -8.54
C ALA A 306 6.03 -4.89 -9.57
N VAL A 307 4.92 -5.10 -10.25
CA VAL A 307 4.76 -6.16 -11.22
C VAL A 307 3.91 -5.58 -12.36
N THR A 308 3.84 -6.34 -13.45
CA THR A 308 3.06 -6.11 -14.63
C THR A 308 2.12 -7.28 -14.90
N ILE A 309 0.84 -6.98 -14.74
CA ILE A 309 -0.26 -7.90 -14.81
C ILE A 309 -1.16 -7.37 -15.92
N GLU A 310 -1.36 -8.22 -16.95
CA GLU A 310 -2.34 -7.98 -18.04
C GLU A 310 -1.94 -6.71 -18.81
N GLY A 311 -0.63 -6.52 -18.95
CA GLY A 311 -0.07 -5.32 -19.56
C GLY A 311 -0.03 -4.03 -18.73
N LYS A 312 -0.49 -4.06 -17.47
CA LYS A 312 -0.49 -2.88 -16.60
C LYS A 312 0.42 -3.07 -15.41
N ARG A 313 1.23 -2.04 -15.16
CA ARG A 313 2.15 -2.04 -14.03
C ARG A 313 1.31 -1.81 -12.77
N VAL A 314 1.48 -2.65 -11.75
CA VAL A 314 0.84 -2.42 -10.46
C VAL A 314 1.81 -2.69 -9.34
N MET A 315 1.44 -2.28 -8.14
CA MET A 315 2.17 -2.59 -6.92
C MET A 315 1.35 -3.55 -6.05
N LEU A 316 2.03 -4.54 -5.50
CA LEU A 316 1.44 -5.53 -4.67
C LEU A 316 1.97 -5.31 -3.25
N PHE A 317 1.09 -5.46 -2.26
CA PHE A 317 1.36 -5.09 -0.86
C PHE A 317 0.67 -6.10 0.02
N THR A 318 1.39 -6.70 0.97
CA THR A 318 0.87 -7.67 1.92
C THR A 318 1.01 -7.19 3.33
N HIS A 319 0.00 -7.43 4.19
CA HIS A 319 0.02 -7.05 5.62
C HIS A 319 -1.12 -7.77 6.31
N PRO A 320 -0.93 -8.28 7.55
CA PRO A 320 -2.08 -8.78 8.37
C PRO A 320 -3.05 -7.71 8.80
N LEU A 321 -4.32 -8.09 8.97
CA LEU A 321 -5.25 -7.25 9.67
C LEU A 321 -4.94 -7.19 11.17
N ASN A 322 -4.42 -8.28 11.75
CA ASN A 322 -4.05 -8.31 13.18
C ASN A 322 -5.24 -7.99 14.08
N LEU A 323 -6.40 -8.51 13.72
CA LEU A 323 -7.59 -8.36 14.56
C LEU A 323 -7.34 -8.82 16.01
N LYS A 324 -6.44 -9.80 16.22
CA LYS A 324 -6.10 -10.29 17.58
C LYS A 324 -5.14 -9.38 18.38
N GLY A 325 -4.34 -8.55 17.68
CA GLY A 325 -3.44 -7.58 18.34
C GLY A 325 -2.03 -8.07 18.61
N ARG A 326 -1.19 -7.12 19.00
CA ARG A 326 0.19 -7.36 19.29
C ARG A 326 0.87 -8.09 18.12
N TRP A 327 1.49 -9.24 18.36
CA TRP A 327 2.29 -9.96 17.35
C TRP A 327 1.56 -11.03 16.67
N MET A 328 0.27 -11.25 17.03
CA MET A 328 -0.48 -12.38 16.53
C MET A 328 -0.64 -12.37 14.99
N ARG A 329 -1.00 -11.19 14.41
CA ARG A 329 -0.90 -10.92 12.98
C ARG A 329 -1.71 -11.94 12.14
N ASP A 330 -2.93 -12.14 12.60
CA ASP A 330 -3.88 -12.98 11.90
C ASP A 330 -4.31 -12.26 10.60
N ARG A 331 -4.76 -13.02 9.63
CA ARG A 331 -5.54 -12.52 8.50
C ARG A 331 -4.74 -11.65 7.53
N LEU A 332 -3.70 -12.28 6.96
CA LEU A 332 -2.87 -11.72 5.92
C LEU A 332 -3.64 -11.44 4.61
N HIS A 333 -3.59 -10.16 4.22
CA HIS A 333 -4.22 -9.68 3.01
C HIS A 333 -3.20 -9.26 2.00
N LEU A 334 -3.64 -9.34 0.73
CA LEU A 334 -2.93 -8.85 -0.39
C LEU A 334 -3.78 -7.75 -1.04
N TRP A 335 -3.17 -6.56 -1.19
CA TRP A 335 -3.72 -5.43 -1.97
C TRP A 335 -2.96 -5.22 -3.28
N MET A 336 -3.66 -4.69 -4.27
CA MET A 336 -3.04 -4.38 -5.56
C MET A 336 -3.44 -2.97 -5.90
N THR A 337 -2.47 -2.16 -6.23
CA THR A 337 -2.73 -0.73 -6.49
C THR A 337 -2.01 -0.21 -7.75
N ASP A 338 -2.68 0.65 -8.49
CA ASP A 338 -1.99 1.29 -9.64
C ASP A 338 -1.63 2.70 -9.24
N ASN A 339 -1.42 2.93 -7.94
CA ASN A 339 -1.22 4.26 -7.40
C ASN A 339 -2.42 5.24 -7.54
N GLN A 340 -3.58 4.74 -7.92
CA GLN A 340 -4.80 5.54 -7.92
C GLN A 340 -5.87 4.75 -7.17
N ARG A 341 -6.21 3.57 -7.69
CA ARG A 341 -7.18 2.68 -7.07
C ARG A 341 -6.38 1.72 -6.23
N ILE A 342 -7.03 1.19 -5.21
CA ILE A 342 -6.43 0.25 -4.29
C ILE A 342 -7.45 -0.85 -4.03
N PHE A 343 -7.13 -2.06 -4.45
CA PHE A 343 -8.09 -3.17 -4.43
C PHE A 343 -7.60 -4.21 -3.47
N ASP A 344 -8.46 -4.71 -2.62
CA ASP A 344 -8.13 -5.78 -1.69
C ASP A 344 -8.39 -7.14 -2.39
N VAL A 345 -7.31 -7.79 -2.77
CA VAL A 345 -7.43 -9.06 -3.46
C VAL A 345 -8.10 -10.06 -2.54
N GLY A 346 -7.87 -9.96 -1.22
CA GLY A 346 -8.48 -10.87 -0.28
C GLY A 346 -7.48 -11.28 0.76
N GLN A 347 -7.97 -12.15 1.67
CA GLN A 347 -7.13 -12.81 2.64
C GLN A 347 -6.44 -14.00 2.03
N ILE A 348 -5.12 -14.03 2.21
CA ILE A 348 -4.35 -15.11 1.64
C ILE A 348 -3.94 -16.20 2.68
N SER A 349 -3.94 -15.83 3.95
CA SER A 349 -3.78 -16.82 4.99
C SER A 349 -5.16 -17.54 5.19
N ILE A 350 -5.17 -18.61 6.00
CA ILE A 350 -6.36 -19.47 6.15
C ILE A 350 -7.08 -19.22 7.49
N GLY A 351 -8.35 -18.85 7.43
CA GLY A 351 -9.13 -18.70 8.67
C GLY A 351 -8.52 -17.64 9.57
N ASP A 352 -8.59 -17.90 10.87
CA ASP A 352 -8.09 -16.97 11.86
C ASP A 352 -6.69 -17.36 12.29
N GLU A 353 -5.97 -18.12 11.48
CA GLU A 353 -4.59 -18.49 11.81
C GLU A 353 -3.70 -17.22 11.96
N ASN A 354 -2.76 -17.25 12.90
CA ASN A 354 -1.74 -16.21 12.99
C ASN A 354 -0.75 -16.37 11.82
N SER A 355 -0.55 -15.31 11.03
CA SER A 355 0.37 -15.35 9.93
C SER A 355 1.59 -14.56 10.40
N GLY A 356 2.02 -13.52 9.68
CA GLY A 356 3.19 -12.74 10.09
C GLY A 356 3.89 -12.08 8.92
N TYR A 357 5.21 -12.10 8.95
CA TYR A 357 6.04 -11.60 7.88
C TYR A 357 5.77 -12.39 6.62
N SER A 358 6.01 -11.76 5.49
CA SER A 358 5.51 -12.26 4.22
C SER A 358 6.29 -11.76 3.04
N SER A 359 6.13 -12.50 1.97
CA SER A 359 6.76 -12.24 0.71
C SER A 359 5.84 -12.64 -0.41
N VAL A 360 5.96 -11.97 -1.57
CA VAL A 360 5.12 -12.23 -2.74
C VAL A 360 5.97 -12.16 -4.03
N LEU A 361 5.65 -13.04 -4.97
CA LEU A 361 6.40 -13.17 -6.21
C LEU A 361 5.49 -13.54 -7.39
N TYR A 362 5.71 -12.84 -8.48
CA TYR A 362 5.04 -13.07 -9.73
C TYR A 362 6.13 -13.50 -10.69
N LYS A 363 6.01 -14.75 -11.19
CA LYS A 363 7.00 -15.42 -12.06
C LYS A 363 6.32 -16.30 -13.11
N ASP A 364 6.70 -16.08 -14.36
CA ASP A 364 6.16 -16.86 -15.49
C ASP A 364 4.67 -16.88 -15.44
N ASP A 365 4.12 -15.72 -15.19
CA ASP A 365 2.68 -15.53 -15.13
C ASP A 365 2.02 -16.38 -14.09
N LYS A 366 2.73 -16.65 -13.00
CA LYS A 366 2.12 -17.27 -11.82
C LYS A 366 2.52 -16.48 -10.56
N LEU A 367 1.62 -16.51 -9.58
CA LEU A 367 1.70 -15.69 -8.39
C LEU A 367 1.80 -16.60 -7.18
N TYR A 368 2.73 -16.24 -6.29
CA TYR A 368 3.13 -17.04 -5.11
C TYR A 368 3.35 -16.12 -3.92
N SER A 369 3.18 -16.71 -2.72
CA SER A 369 3.59 -16.07 -1.47
C SER A 369 4.42 -17.08 -0.68
N LEU A 370 5.38 -16.58 0.05
CA LEU A 370 6.03 -17.34 1.10
C LEU A 370 5.78 -16.53 2.37
N HIS A 371 5.07 -17.11 3.32
CA HIS A 371 4.79 -16.36 4.52
C HIS A 371 4.75 -17.24 5.76
N GLU A 372 4.84 -16.55 6.89
CA GLU A 372 4.72 -17.15 8.22
C GLU A 372 3.30 -17.57 8.57
N ILE A 373 3.31 -18.68 9.31
CA ILE A 373 2.19 -19.13 10.14
C ILE A 373 2.73 -19.43 11.52
N ASN A 374 1.93 -19.19 12.54
CA ASN A 374 2.35 -19.23 13.90
C ASN A 374 1.27 -19.90 14.74
N THR A 375 1.63 -21.01 15.39
CA THR A 375 0.82 -21.61 16.48
C THR A 375 1.75 -21.77 17.68
N ASN A 376 1.38 -21.16 18.81
CA ASN A 376 2.15 -21.20 20.07
C ASN A 376 3.58 -20.71 19.94
N ASP A 377 3.76 -19.68 19.11
CA ASP A 377 5.06 -19.08 18.77
C ASP A 377 6.12 -20.06 18.29
N VAL A 378 5.63 -21.04 17.57
CA VAL A 378 6.45 -21.89 16.73
C VAL A 378 5.99 -21.64 15.29
N TYR A 379 6.96 -21.32 14.42
CA TYR A 379 6.74 -20.69 13.09
C TYR A 379 7.18 -21.57 11.94
N SER A 380 6.31 -21.78 10.98
CA SER A 380 6.69 -22.38 9.70
C SER A 380 6.53 -21.36 8.60
N LEU A 381 7.02 -21.69 7.43
CA LEU A 381 6.82 -20.83 6.27
C LEU A 381 6.07 -21.62 5.17
N VAL A 382 4.87 -21.15 4.84
CA VAL A 382 4.10 -21.73 3.79
C VAL A 382 4.36 -21.07 2.45
N PHE A 383 4.38 -21.94 1.46
CA PHE A 383 4.60 -21.63 0.06
C PHE A 383 3.27 -21.81 -0.64
N VAL A 384 2.73 -20.72 -1.17
CA VAL A 384 1.35 -20.64 -1.56
C VAL A 384 1.32 -20.34 -3.05
N ARG A 385 0.57 -21.13 -3.80
CA ARG A 385 0.25 -20.94 -5.19
C ARG A 385 -1.07 -20.16 -5.25
N LEU A 386 -0.96 -18.85 -5.54
CA LEU A 386 -2.07 -17.90 -5.47
C LEU A 386 -2.80 -17.87 -6.80
N ILE A 387 -3.49 -18.97 -7.06
CA ILE A 387 -4.18 -19.21 -8.31
C ILE A 387 -5.50 -18.45 -8.49
N GLY A 388 -6.39 -18.55 -7.53
CA GLY A 388 -7.61 -17.78 -7.57
C GLY A 388 -7.39 -16.27 -7.43
N GLU A 389 -6.39 -15.88 -6.60
CA GLU A 389 -6.08 -14.47 -6.42
C GLU A 389 -5.60 -13.85 -7.73
N LEU A 390 -4.71 -14.51 -8.45
CA LEU A 390 -4.23 -13.98 -9.71
C LEU A 390 -5.37 -13.82 -10.72
N GLN A 391 -6.27 -14.78 -10.72
CA GLN A 391 -7.41 -14.72 -11.63
C GLN A 391 -8.28 -13.47 -11.34
N LEU A 392 -8.51 -13.18 -10.06
CA LEU A 392 -9.30 -12.01 -9.67
C LEU A 392 -8.52 -10.74 -10.05
N MET A 393 -7.21 -10.79 -9.84
CA MET A 393 -6.39 -9.66 -10.09
C MET A 393 -6.40 -9.26 -11.54
N LYS A 394 -6.27 -10.24 -12.43
CA LYS A 394 -6.41 -10.05 -13.89
C LYS A 394 -7.73 -9.43 -14.35
N SER A 395 -8.84 -9.95 -13.81
CA SER A 395 -10.21 -9.40 -14.02
C SER A 395 -10.31 -7.91 -13.67
N VAL A 396 -9.80 -7.60 -12.44
CA VAL A 396 -9.78 -6.22 -11.94
C VAL A 396 -8.94 -5.28 -12.82
N VAL A 397 -7.73 -5.71 -13.14
CA VAL A 397 -6.90 -5.00 -14.11
C VAL A 397 -7.58 -4.76 -15.50
N ARG A 398 -8.27 -5.80 -16.03
CA ARG A 398 -8.97 -5.63 -17.30
C ARG A 398 -10.02 -4.59 -17.15
N THR A 399 -10.79 -4.64 -16.05
CA THR A 399 -11.79 -3.58 -15.74
C THR A 399 -11.12 -2.18 -15.70
N TRP A 400 -10.05 -2.05 -14.97
CA TRP A 400 -9.39 -0.75 -14.94
C TRP A 400 -8.97 -0.25 -16.34
N LYS A 401 -8.35 -1.10 -17.16
CA LYS A 401 -7.87 -0.69 -18.52
C LYS A 401 -9.00 -0.38 -19.45
N GLU A 402 -10.04 -1.19 -19.33
CA GLU A 402 -11.24 -1.01 -20.18
C GLU A 402 -11.98 0.29 -19.96
N GLU A 403 -12.35 0.56 -18.73
CA GLU A 403 -13.05 1.81 -18.41
C GLU A 403 -12.16 3.05 -18.67
N ASP A 404 -10.88 2.96 -18.34
CA ASP A 404 -9.97 4.07 -18.66
C ASP A 404 -9.86 4.32 -20.18
N ASN A 405 -9.68 3.23 -20.94
CA ASN A 405 -9.62 3.26 -22.42
C ASN A 405 -10.96 3.76 -22.96
N HIS A 406 -12.06 3.22 -22.46
CA HIS A 406 -13.36 3.73 -22.84
C HIS A 406 -13.49 5.25 -22.62
N LEU A 407 -13.29 5.72 -21.39
CA LEU A 407 -13.38 7.13 -21.10
C LEU A 407 -12.45 8.01 -21.94
N ALA A 408 -11.19 7.57 -22.13
CA ALA A 408 -10.19 8.35 -22.83
C ALA A 408 -10.45 8.42 -24.35
N SER A 409 -11.32 7.52 -24.83
CA SER A 409 -11.69 7.34 -26.23
C SER A 409 -13.02 8.05 -26.57
N ILE A 410 -13.67 8.66 -25.58
CA ILE A 410 -14.83 9.47 -25.87
C ILE A 410 -14.32 10.71 -26.60
N CYS A 411 -14.97 11.07 -27.69
CA CYS A 411 -14.67 12.33 -28.42
C CYS A 411 -15.45 13.47 -27.71
N THR A 412 -14.77 14.40 -27.03
CA THR A 412 -15.47 15.48 -26.32
C THR A 412 -15.75 16.70 -27.24
N PRO A 413 -16.92 17.36 -27.07
CA PRO A 413 -17.23 18.61 -27.76
C PRO A 413 -16.15 19.69 -27.73
N VAL A 414 -15.79 20.25 -28.89
CA VAL A 414 -14.95 21.49 -28.94
C VAL A 414 -15.79 22.71 -28.51
N LYS A 422 -15.10 13.09 -36.10
CA LYS A 422 -14.86 14.38 -35.44
C LYS A 422 -13.41 14.46 -34.91
N GLY A 423 -12.45 13.79 -35.59
CA GLY A 423 -10.99 14.02 -35.39
C GLY A 423 -10.69 15.53 -35.35
N GLY A 424 -10.80 16.08 -34.15
CA GLY A 424 -11.33 17.43 -33.92
C GLY A 424 -12.35 17.30 -32.78
N CYS A 425 -11.93 16.58 -31.74
CA CYS A 425 -12.64 16.49 -30.52
C CYS A 425 -11.97 17.45 -29.58
N GLY A 426 -12.63 17.68 -28.45
CA GLY A 426 -12.02 18.41 -27.34
C GLY A 426 -10.99 17.58 -26.62
N ALA A 427 -10.37 18.17 -25.61
CA ALA A 427 -9.48 17.44 -24.73
C ALA A 427 -10.12 16.13 -24.27
N ALA A 428 -9.28 15.12 -24.02
CA ALA A 428 -9.81 13.82 -23.56
C ALA A 428 -10.51 13.95 -22.19
N VAL A 429 -11.48 13.09 -21.94
CA VAL A 429 -12.03 12.96 -20.58
C VAL A 429 -10.84 12.59 -19.72
N PRO A 430 -10.56 13.40 -18.67
CA PRO A 430 -9.46 13.10 -17.76
C PRO A 430 -9.62 11.76 -17.05
N THR A 431 -8.55 10.94 -17.10
CA THR A 431 -8.46 9.63 -16.46
C THR A 431 -7.26 9.49 -15.52
N ALA A 432 -6.26 10.36 -15.68
CA ALA A 432 -5.13 10.29 -14.83
C ALA A 432 -5.58 10.81 -13.44
N GLY A 433 -5.39 9.97 -12.43
CA GLY A 433 -5.83 10.27 -11.08
C GLY A 433 -7.30 9.98 -10.82
N LEU A 434 -7.99 9.36 -11.78
CA LEU A 434 -9.35 8.90 -11.53
C LEU A 434 -9.26 7.65 -10.59
N VAL A 435 -9.78 7.83 -9.37
CA VAL A 435 -9.80 6.81 -8.33
C VAL A 435 -11.08 5.97 -8.35
N GLY A 436 -12.21 6.61 -8.54
CA GLY A 436 -13.49 5.98 -8.35
C GLY A 436 -14.62 6.64 -9.10
N PHE A 437 -15.70 5.88 -9.32
CA PHE A 437 -16.73 6.26 -10.22
C PHE A 437 -17.96 5.49 -9.86
N LEU A 438 -19.06 6.21 -9.61
CA LEU A 438 -20.35 5.61 -9.31
C LEU A 438 -21.29 6.02 -10.42
N SER A 439 -21.85 5.03 -11.09
CA SER A 439 -22.67 5.27 -12.25
C SER A 439 -23.97 4.42 -12.25
N HIS A 440 -24.18 3.61 -13.30
CA HIS A 440 -25.42 2.88 -13.50
C HIS A 440 -25.57 1.76 -12.51
N SER A 441 -24.61 0.89 -12.45
CA SER A 441 -24.81 -0.27 -11.55
C SER A 441 -25.14 0.12 -10.05
N ALA A 442 -26.34 -0.29 -9.60
CA ALA A 442 -26.71 -0.23 -8.19
C ALA A 442 -27.77 -1.29 -7.88
N ASN A 443 -27.85 -1.70 -6.61
CA ASN A 443 -28.96 -2.58 -6.14
C ASN A 443 -29.65 -1.84 -4.99
N GLY A 444 -30.13 -2.59 -4.00
CA GLY A 444 -30.68 -2.01 -2.77
C GLY A 444 -29.84 -0.96 -2.02
N SER A 445 -28.81 -1.44 -1.36
CA SER A 445 -28.12 -0.57 -0.46
C SER A 445 -26.72 -0.23 -0.86
N VAL A 446 -26.32 -0.61 -2.06
CA VAL A 446 -24.97 -0.49 -2.56
C VAL A 446 -24.94 0.18 -3.91
N TRP A 447 -24.06 1.18 -4.05
CA TRP A 447 -23.84 1.89 -5.31
C TRP A 447 -22.41 1.51 -5.73
N GLU A 448 -22.28 0.76 -6.81
CA GLU A 448 -21.02 0.13 -7.18
C GLU A 448 -19.94 1.05 -7.79
N ASP A 449 -18.74 0.94 -7.26
CA ASP A 449 -17.60 1.59 -7.82
C ASP A 449 -17.38 0.83 -9.11
N VAL A 450 -17.32 1.56 -10.21
CA VAL A 450 -16.98 1.02 -11.48
C VAL A 450 -15.61 0.41 -11.47
N TYR A 451 -14.72 0.97 -10.64
CA TYR A 451 -13.33 0.50 -10.53
C TYR A 451 -13.15 -0.61 -9.51
N ARG A 452 -14.28 -1.08 -8.98
CA ARG A 452 -14.36 -2.27 -8.16
C ARG A 452 -13.64 -2.23 -6.86
N CYS A 453 -13.39 -1.05 -6.28
CA CYS A 453 -12.59 -0.96 -5.02
C CYS A 453 -13.39 -0.48 -3.80
N VAL A 454 -14.04 0.67 -3.89
CA VAL A 454 -14.85 1.20 -2.76
C VAL A 454 -16.27 1.63 -3.19
N ASP A 455 -17.26 0.90 -2.75
CA ASP A 455 -18.65 1.14 -3.13
C ASP A 455 -19.25 2.18 -2.19
N ALA A 456 -20.31 2.85 -2.60
CA ALA A 456 -21.05 3.73 -1.67
C ALA A 456 -22.21 3.01 -1.04
N ASN A 457 -22.58 3.40 0.17
CA ASN A 457 -23.75 2.82 0.82
C ASN A 457 -24.92 3.77 0.71
N VAL A 458 -26.05 3.18 0.47
CA VAL A 458 -27.23 3.87 -0.08
C VAL A 458 -28.49 3.68 0.83
N ALA A 459 -29.30 4.71 0.98
CA ALA A 459 -30.60 4.63 1.67
C ALA A 459 -31.69 5.42 0.93
N ASN A 460 -32.92 4.93 0.99
CA ASN A 460 -34.13 5.62 0.42
C ASN A 460 -33.97 6.19 -0.98
N ALA A 461 -33.57 5.30 -1.86
CA ALA A 461 -33.17 5.67 -3.21
C ALA A 461 -33.89 4.79 -4.26
N GLU A 462 -34.01 5.32 -5.46
CA GLU A 462 -34.60 4.59 -6.59
C GLU A 462 -33.67 4.72 -7.77
N ARG A 463 -33.49 3.62 -8.51
CA ARG A 463 -32.52 3.60 -9.61
C ARG A 463 -32.95 4.43 -10.79
N VAL A 464 -32.02 5.14 -11.41
CA VAL A 464 -32.34 5.94 -12.60
C VAL A 464 -31.15 5.72 -13.45
N PRO A 465 -31.24 6.07 -14.74
CA PRO A 465 -30.04 5.88 -15.54
C PRO A 465 -28.86 6.63 -14.93
N ASN A 466 -27.80 5.88 -14.68
CA ASN A 466 -26.50 6.38 -14.27
C ASN A 466 -26.45 6.90 -12.84
N GLY A 467 -27.43 6.53 -12.01
CA GLY A 467 -27.42 6.99 -10.64
C GLY A 467 -28.68 6.70 -9.89
N LEU A 468 -29.02 7.61 -8.97
CA LEU A 468 -30.03 7.43 -8.00
C LEU A 468 -30.80 8.68 -7.72
N LYS A 469 -32.09 8.45 -7.48
CA LYS A 469 -33.06 9.46 -7.07
C LYS A 469 -33.43 9.18 -5.62
N PHE A 470 -33.23 10.18 -4.76
CA PHE A 470 -33.46 10.02 -3.32
C PHE A 470 -34.84 10.57 -2.88
N ASN A 471 -35.51 9.82 -2.03
CA ASN A 471 -36.69 10.29 -1.40
C ASN A 471 -36.92 9.59 -0.12
N GLY A 472 -36.96 10.36 0.95
CA GLY A 472 -37.33 9.94 2.26
C GLY A 472 -36.17 10.35 3.13
N VAL A 473 -36.33 10.07 4.43
CA VAL A 473 -35.40 10.59 5.43
C VAL A 473 -34.03 9.95 5.29
N GLY A 474 -32.94 10.69 5.24
CA GLY A 474 -31.63 10.07 5.03
C GLY A 474 -31.47 9.49 3.65
N GLY A 475 -32.36 9.86 2.69
CA GLY A 475 -32.14 9.52 1.29
C GLY A 475 -30.83 10.12 0.77
N GLY A 476 -29.95 9.24 0.31
CA GLY A 476 -28.59 9.63 -0.10
C GLY A 476 -27.62 8.47 0.00
N ALA A 477 -26.36 8.75 -0.30
CA ALA A 477 -25.30 7.75 -0.37
C ALA A 477 -24.09 8.26 0.38
N VAL A 478 -23.37 7.32 0.99
CA VAL A 478 -22.23 7.57 1.81
C VAL A 478 -21.11 6.81 1.11
N TRP A 479 -20.12 7.57 0.62
CA TRP A 479 -18.93 7.02 -0.02
C TRP A 479 -17.87 7.14 1.07
N PRO A 480 -17.55 6.01 1.70
CA PRO A 480 -16.75 6.15 2.94
C PRO A 480 -15.32 6.58 2.71
N VAL A 481 -14.79 7.40 3.63
CA VAL A 481 -13.34 7.77 3.68
C VAL A 481 -12.71 7.19 4.97
N ALA A 482 -12.62 7.96 6.04
CA ALA A 482 -12.31 7.39 7.34
C ALA A 482 -13.20 6.22 7.73
N ARG A 483 -14.48 6.31 7.36
CA ARG A 483 -15.41 5.24 7.61
C ARG A 483 -15.11 3.93 6.85
N GLN A 484 -14.12 3.88 5.97
CA GLN A 484 -13.58 2.61 5.52
C GLN A 484 -13.03 1.77 6.70
N GLY A 485 -12.70 2.42 7.81
CA GLY A 485 -12.20 1.71 8.99
C GLY A 485 -10.66 1.61 9.00
N GLN A 486 -10.17 0.39 8.98
CA GLN A 486 -8.78 0.09 9.15
C GLN A 486 -7.89 0.54 8.00
N THR A 487 -8.23 0.10 6.78
CA THR A 487 -7.42 0.40 5.62
C THR A 487 -8.13 1.54 4.94
N ARG A 488 -7.46 2.69 4.86
CA ARG A 488 -8.14 3.93 4.45
C ARG A 488 -7.74 4.40 3.06
N ARG A 489 -8.42 3.81 2.10
CA ARG A 489 -7.97 3.89 0.71
C ARG A 489 -8.23 5.23 0.07
N TYR A 490 -9.01 6.07 0.74
CA TYR A 490 -9.31 7.38 0.23
C TYR A 490 -8.67 8.42 1.12
N GLN A 491 -7.73 7.97 1.96
CA GLN A 491 -6.89 8.87 2.75
C GLN A 491 -6.37 10.09 1.99
N PHE A 492 -6.11 9.94 0.69
CA PHE A 492 -5.59 11.03 -0.18
C PHE A 492 -6.42 12.33 -0.14
N ALA A 493 -7.71 12.17 0.09
CA ALA A 493 -8.68 13.29 0.01
C ALA A 493 -8.45 14.33 1.06
N ASN A 494 -7.88 13.92 2.18
CA ASN A 494 -7.48 14.82 3.20
C ASN A 494 -6.40 15.81 2.74
N TYR A 495 -5.68 15.44 1.68
CA TYR A 495 -4.65 16.26 1.08
C TYR A 495 -5.14 16.93 -0.20
N ARG A 496 -5.86 16.19 -1.06
CA ARG A 496 -6.44 16.79 -2.21
C ARG A 496 -7.44 15.90 -2.86
N PHE A 497 -8.39 16.47 -3.57
CA PHE A 497 -9.42 15.69 -4.30
C PHE A 497 -10.18 16.54 -5.26
N THR A 498 -10.82 15.90 -6.24
CA THR A 498 -11.87 16.57 -7.03
C THR A 498 -13.08 15.62 -6.96
N LEU A 499 -14.22 16.12 -6.53
CA LEU A 499 -15.46 15.31 -6.60
C LEU A 499 -16.39 15.96 -7.64
N VAL A 500 -16.93 15.13 -8.54
CA VAL A 500 -17.78 15.54 -9.64
C VAL A 500 -19.08 14.78 -9.61
N ALA A 501 -20.16 15.46 -9.98
CA ALA A 501 -21.47 14.86 -10.10
C ALA A 501 -22.40 15.60 -11.04
N THR A 502 -23.37 14.87 -11.60
CA THR A 502 -24.45 15.47 -12.39
C THR A 502 -25.70 15.39 -11.50
N VAL A 503 -26.36 16.53 -11.29
CA VAL A 503 -27.48 16.61 -10.38
C VAL A 503 -28.76 17.26 -10.94
N THR A 504 -29.91 16.85 -10.40
CA THR A 504 -31.16 17.62 -10.51
C THR A 504 -31.74 17.70 -9.11
N ILE A 505 -32.27 18.89 -8.85
CA ILE A 505 -33.09 19.15 -7.67
C ILE A 505 -34.54 18.87 -8.12
N ASP A 506 -35.19 17.98 -7.40
CA ASP A 506 -36.46 17.42 -7.83
C ASP A 506 -37.62 18.16 -7.12
N GLU A 507 -37.40 18.55 -5.87
CA GLU A 507 -38.38 19.23 -5.07
C GLU A 507 -37.71 20.30 -4.21
N LEU A 508 -38.41 21.42 -4.03
CA LEU A 508 -37.86 22.53 -3.27
C LEU A 508 -37.63 22.11 -1.82
N PRO A 509 -36.50 22.57 -1.21
CA PRO A 509 -36.33 22.27 0.23
C PRO A 509 -37.12 23.29 1.07
N LYS A 510 -37.40 22.93 2.34
CA LYS A 510 -38.11 23.83 3.27
C LYS A 510 -37.26 25.07 3.63
N GLY A 511 -35.96 24.82 3.80
CA GLY A 511 -34.97 25.83 4.03
C GLY A 511 -33.74 25.57 3.19
N THR A 512 -32.74 24.95 3.79
CA THR A 512 -31.46 24.61 3.19
C THR A 512 -31.24 23.07 3.30
N SER A 513 -30.81 22.43 2.21
CA SER A 513 -30.62 20.96 2.22
C SER A 513 -29.33 20.59 1.53
N PRO A 514 -28.71 19.48 1.94
CA PRO A 514 -27.47 19.13 1.30
C PRO A 514 -27.58 18.39 -0.02
N LEU A 515 -26.51 18.59 -0.81
CA LEU A 515 -26.39 18.02 -2.14
C LEU A 515 -25.14 17.12 -2.36
N LEU A 516 -23.96 17.65 -2.02
CA LEU A 516 -22.70 16.98 -2.31
C LEU A 516 -21.58 17.52 -1.42
N GLY A 517 -20.69 16.64 -0.95
CA GLY A 517 -19.53 17.18 -0.24
C GLY A 517 -18.79 16.21 0.60
N ALA A 518 -17.89 16.75 1.41
CA ALA A 518 -17.01 15.92 2.22
C ALA A 518 -17.29 16.28 3.67
N GLY A 519 -17.70 15.31 4.47
CA GLY A 519 -17.85 15.55 5.91
C GLY A 519 -16.59 15.27 6.69
N LEU A 520 -16.50 15.82 7.87
CA LEU A 520 -15.37 15.65 8.79
C LEU A 520 -15.72 14.77 9.94
N GLU A 521 -14.70 14.04 10.40
CA GLU A 521 -14.83 13.22 11.58
C GLU A 521 -14.98 14.13 12.82
N GLY A 522 -15.82 13.69 13.74
CA GLY A 522 -15.83 14.35 15.01
C GLY A 522 -17.12 15.04 15.36
N PRO A 523 -17.09 15.79 16.46
CA PRO A 523 -18.36 16.30 17.00
C PRO A 523 -18.93 17.34 16.04
N GLY A 524 -20.23 17.52 16.06
CA GLY A 524 -20.86 18.55 15.27
C GLY A 524 -21.18 17.85 13.96
N ASP A 525 -21.36 18.64 12.93
CA ASP A 525 -21.81 18.11 11.66
C ASP A 525 -20.91 18.92 10.71
N ALA A 526 -19.59 18.99 11.00
CA ALA A 526 -18.66 19.87 10.28
C ALA A 526 -18.39 19.29 8.90
N LYS A 527 -18.17 20.18 7.94
CA LYS A 527 -17.81 19.79 6.57
C LYS A 527 -16.55 20.49 6.16
N LEU A 528 -15.75 19.79 5.36
CA LEU A 528 -14.60 20.35 4.73
C LEU A 528 -14.95 21.31 3.59
N LEU A 529 -15.75 20.80 2.67
CA LEU A 529 -16.13 21.45 1.43
C LEU A 529 -17.41 20.74 0.91
N GLY A 530 -18.40 21.52 0.51
CA GLY A 530 -19.71 20.99 0.17
C GLY A 530 -20.56 22.01 -0.57
N LEU A 531 -21.73 21.51 -0.97
CA LEU A 531 -22.73 22.25 -1.67
C LEU A 531 -24.12 21.83 -1.17
N SER A 532 -24.90 22.88 -0.84
CA SER A 532 -26.29 22.82 -0.43
C SER A 532 -27.09 23.74 -1.33
N TYR A 533 -28.40 23.61 -1.25
CA TYR A 533 -29.33 24.44 -2.06
C TYR A 533 -30.46 24.87 -1.12
N ASP A 534 -31.16 25.95 -1.41
CA ASP A 534 -32.17 26.50 -0.48
C ASP A 534 -33.50 26.82 -1.14
N LYS A 535 -34.42 27.27 -0.33
CA LYS A 535 -35.83 27.38 -0.75
C LYS A 535 -36.00 28.51 -1.74
N ASN A 536 -35.08 29.48 -1.77
CA ASN A 536 -35.15 30.59 -2.69
C ASN A 536 -34.49 30.24 -4.00
N ARG A 537 -34.21 28.96 -4.23
CA ARG A 537 -33.53 28.49 -5.40
C ARG A 537 -32.15 29.09 -5.63
N GLN A 538 -31.38 29.16 -4.57
CA GLN A 538 -29.99 29.58 -4.64
C GLN A 538 -29.11 28.43 -4.15
N TRP A 539 -27.81 28.53 -4.42
CA TRP A 539 -26.81 27.56 -3.97
C TRP A 539 -26.21 28.05 -2.70
N ARG A 540 -25.78 27.12 -1.86
CA ARG A 540 -25.10 27.42 -0.67
C ARG A 540 -23.86 26.56 -0.57
N PRO A 541 -22.72 27.08 -1.08
CA PRO A 541 -21.47 26.43 -0.98
C PRO A 541 -20.90 26.56 0.46
N LEU A 542 -20.20 25.51 0.89
CA LEU A 542 -19.73 25.42 2.25
C LEU A 542 -18.23 25.34 2.09
N TYR A 543 -17.53 26.33 2.58
CA TYR A 543 -16.06 26.32 2.58
C TYR A 543 -15.58 26.20 4.03
N GLY A 544 -15.25 24.98 4.44
CA GLY A 544 -14.84 24.71 5.83
C GLY A 544 -15.95 25.15 6.79
N ALA A 545 -15.55 25.86 7.84
CA ALA A 545 -16.44 26.33 8.89
C ALA A 545 -17.09 27.69 8.56
N ALA A 546 -16.77 28.25 7.41
CA ALA A 546 -17.28 29.55 7.06
C ALA A 546 -18.81 29.44 6.83
N PRO A 547 -19.56 30.53 7.08
CA PRO A 547 -21.03 30.57 6.94
C PRO A 547 -21.41 30.36 5.52
N ALA A 548 -22.49 29.63 5.32
CA ALA A 548 -22.84 29.02 4.05
C ALA A 548 -23.87 29.87 3.35
N SER A 549 -23.40 31.10 2.99
CA SER A 549 -24.18 32.21 2.35
C SER A 549 -24.60 31.89 0.93
N PRO A 550 -25.82 32.33 0.55
CA PRO A 550 -26.32 31.94 -0.76
C PRO A 550 -25.76 32.72 -1.93
N THR A 551 -25.86 32.15 -3.13
CA THR A 551 -25.41 32.74 -4.34
C THR A 551 -26.16 32.08 -5.51
N GLY A 552 -26.20 32.82 -6.60
CA GLY A 552 -26.55 32.23 -7.90
C GLY A 552 -28.01 31.83 -8.00
N SER A 553 -28.32 30.93 -8.89
CA SER A 553 -29.73 30.63 -9.14
C SER A 553 -29.83 29.30 -9.85
N TRP A 554 -30.81 28.47 -9.48
CA TRP A 554 -31.06 27.28 -10.23
C TRP A 554 -32.55 27.11 -10.38
N GLU A 555 -32.92 26.16 -11.22
CA GLU A 555 -34.32 25.81 -11.34
C GLU A 555 -34.58 24.33 -11.15
N LEU A 556 -35.73 24.00 -10.61
CA LEU A 556 -36.07 22.63 -10.39
C LEU A 556 -36.00 21.80 -11.71
N HIS A 557 -35.60 20.53 -11.59
CA HIS A 557 -35.69 19.57 -12.69
C HIS A 557 -34.61 19.81 -13.74
N LYS A 558 -33.72 20.76 -13.56
CA LYS A 558 -32.73 21.01 -14.59
C LYS A 558 -31.45 20.37 -14.14
N LYS A 559 -30.74 19.81 -15.12
CA LYS A 559 -29.49 19.14 -14.88
C LYS A 559 -28.33 20.16 -14.71
N TYR A 560 -27.65 20.07 -13.56
CA TYR A 560 -26.44 20.82 -13.29
C TYR A 560 -25.22 19.92 -13.16
N HIS A 561 -24.04 20.44 -13.57
CA HIS A 561 -22.78 19.76 -13.39
C HIS A 561 -22.05 20.36 -12.14
N VAL A 562 -21.72 19.49 -11.17
CA VAL A 562 -21.10 19.94 -9.95
C VAL A 562 -19.68 19.39 -9.77
N VAL A 563 -18.76 20.29 -9.51
CA VAL A 563 -17.36 19.93 -9.26
C VAL A 563 -16.92 20.58 -7.98
N LEU A 564 -16.40 19.78 -7.06
CA LEU A 564 -15.69 20.27 -5.84
C LEU A 564 -14.19 19.93 -5.94
N THR A 565 -13.33 20.93 -5.75
CA THR A 565 -11.87 20.76 -5.76
C THR A 565 -11.33 21.21 -4.44
N MET A 566 -10.35 20.48 -3.93
CA MET A 566 -9.65 20.88 -2.73
C MET A 566 -8.20 20.47 -2.93
N ALA A 567 -7.31 21.44 -2.81
CA ALA A 567 -5.87 21.25 -2.77
C ALA A 567 -5.26 22.48 -2.08
N ASP A 568 -4.07 22.31 -1.55
CA ASP A 568 -3.40 23.38 -0.82
C ASP A 568 -4.29 24.01 0.24
N ARG A 569 -5.08 23.17 0.90
CA ARG A 569 -6.02 23.61 1.95
C ARG A 569 -7.13 24.60 1.49
N GLN A 570 -7.32 24.74 0.18
CA GLN A 570 -8.29 25.68 -0.42
C GLN A 570 -9.37 24.90 -1.19
N GLY A 571 -10.58 25.45 -1.24
CA GLY A 571 -11.71 24.81 -1.91
C GLY A 571 -12.48 25.67 -2.90
N SER A 572 -13.03 25.01 -3.90
CA SER A 572 -13.73 25.65 -4.93
C SER A 572 -14.92 24.75 -5.35
N VAL A 573 -16.05 25.40 -5.56
CA VAL A 573 -17.26 24.69 -5.99
C VAL A 573 -17.57 25.35 -7.35
N TYR A 574 -17.88 24.52 -8.33
CA TYR A 574 -18.26 24.89 -9.68
C TYR A 574 -19.62 24.31 -9.99
N VAL A 575 -20.43 25.13 -10.66
CA VAL A 575 -21.72 24.67 -11.24
C VAL A 575 -21.69 24.98 -12.72
N ASP A 576 -21.97 24.01 -13.56
CA ASP A 576 -21.83 24.17 -15.03
C ASP A 576 -20.54 24.85 -15.47
N GLY A 577 -19.40 24.41 -14.92
CA GLY A 577 -18.08 24.89 -15.31
C GLY A 577 -17.59 26.19 -14.65
N GLN A 578 -18.41 26.87 -13.87
CA GLN A 578 -18.10 28.19 -13.43
C GLN A 578 -17.99 28.19 -11.90
N PRO A 579 -16.96 28.85 -11.36
CA PRO A 579 -16.78 28.85 -9.91
C PRO A 579 -17.88 29.69 -9.21
N LEU A 580 -18.35 29.20 -8.05
CA LEU A 580 -19.38 29.85 -7.26
C LEU A 580 -18.63 30.81 -6.39
N ALA A 581 -19.30 31.89 -5.99
CA ALA A 581 -18.75 32.86 -5.05
C ALA A 581 -18.19 32.19 -3.81
N GLY A 582 -17.04 32.68 -3.34
CA GLY A 582 -16.30 32.18 -2.19
C GLY A 582 -15.28 31.14 -2.60
N SER A 583 -15.29 30.77 -3.88
CA SER A 583 -14.35 29.74 -4.32
C SER A 583 -12.90 30.22 -4.16
N GLY A 584 -11.96 29.30 -3.86
CA GLY A 584 -10.56 29.67 -3.59
C GLY A 584 -10.25 29.96 -2.13
N ASN A 585 -11.26 30.12 -1.27
CA ASN A 585 -11.03 30.35 0.17
C ASN A 585 -10.34 29.16 0.83
N THR A 586 -9.75 29.44 1.97
CA THR A 586 -9.15 28.45 2.84
C THR A 586 -10.20 27.65 3.57
N VAL A 587 -10.19 26.33 3.33
CA VAL A 587 -11.15 25.42 3.98
C VAL A 587 -10.56 24.75 5.22
N VAL A 588 -9.24 24.59 5.30
CA VAL A 588 -8.63 24.08 6.51
C VAL A 588 -7.53 25.01 7.02
N ARG A 589 -7.70 25.47 8.24
CA ARG A 589 -6.67 26.30 8.89
C ARG A 589 -5.85 25.37 9.76
N GLY A 590 -4.53 25.54 9.74
CA GLY A 590 -3.62 24.67 10.54
C GLY A 590 -2.78 23.68 9.74
N ALA A 591 -1.76 23.17 10.41
CA ALA A 591 -0.89 22.12 9.88
C ALA A 591 -1.47 20.72 10.00
N THR A 592 -2.55 20.57 10.78
CA THR A 592 -3.18 19.24 10.96
C THR A 592 -4.09 18.84 9.79
N LEU A 593 -3.69 17.74 9.18
CA LEU A 593 -4.45 17.14 8.13
C LEU A 593 -5.91 16.97 8.57
N PRO A 594 -6.83 17.36 7.69
CA PRO A 594 -8.22 17.04 7.91
C PRO A 594 -8.37 15.54 8.10
N ASP A 595 -9.46 15.15 8.77
CA ASP A 595 -9.91 13.77 8.79
C ASP A 595 -11.36 13.59 8.25
N ILE A 596 -11.43 13.40 6.94
CA ILE A 596 -12.74 13.31 6.23
C ILE A 596 -13.44 11.98 6.53
N SER A 597 -14.66 12.03 7.02
CA SER A 597 -15.39 10.78 7.38
C SER A 597 -15.89 10.04 6.12
N HIS A 598 -16.38 10.83 5.20
CA HIS A 598 -17.01 10.36 3.97
C HIS A 598 -17.34 11.47 3.03
N PHE A 599 -17.62 11.09 1.77
CA PHE A 599 -18.38 11.95 0.88
C PHE A 599 -19.88 11.62 1.00
N TYR A 600 -20.71 12.66 1.03
CA TYR A 600 -22.17 12.50 1.05
C TYR A 600 -22.68 12.88 -0.31
N ILE A 601 -23.70 12.15 -0.75
CA ILE A 601 -24.34 12.35 -2.03
C ILE A 601 -25.82 12.39 -1.65
N GLY A 602 -26.43 13.54 -1.86
CA GLY A 602 -27.73 13.85 -1.27
C GLY A 602 -27.64 14.19 0.20
N GLY A 603 -28.58 13.65 0.97
CA GLY A 603 -28.69 13.92 2.40
C GLY A 603 -28.76 12.72 3.32
N PRO A 604 -27.74 11.87 3.27
CA PRO A 604 -27.71 10.67 4.06
C PRO A 604 -27.44 11.08 5.53
N ARG A 605 -28.00 10.32 6.43
CA ARG A 605 -27.81 10.52 7.83
C ARG A 605 -28.48 9.29 8.41
N SER A 606 -27.89 8.74 9.43
CA SER A 606 -28.51 7.63 10.13
C SER A 606 -28.99 8.19 11.46
N LYS A 607 -28.92 9.50 11.62
CA LYS A 607 -29.14 10.19 12.90
C LYS A 607 -29.09 11.74 12.66
N GLY A 608 -29.38 12.47 13.72
CA GLY A 608 -29.47 13.93 13.62
C GLY A 608 -30.80 14.44 13.12
N ALA A 609 -30.76 15.63 12.53
CA ALA A 609 -31.86 16.12 11.74
C ALA A 609 -32.28 15.04 10.74
N PRO A 610 -33.61 14.90 10.51
CA PRO A 610 -34.14 14.00 9.52
C PRO A 610 -34.21 14.69 8.14
N THR A 611 -33.02 14.97 7.62
CA THR A 611 -32.80 15.50 6.27
C THR A 611 -33.48 14.61 5.23
N ASP A 612 -34.22 15.24 4.32
CA ASP A 612 -34.75 14.57 3.14
C ASP A 612 -34.52 15.52 1.94
N SER A 613 -33.29 15.45 1.40
CA SER A 613 -32.95 16.09 0.17
C SER A 613 -33.54 15.31 -1.05
N ARG A 614 -34.42 15.99 -1.73
CA ARG A 614 -35.09 15.45 -2.96
C ARG A 614 -34.30 15.85 -4.18
N VAL A 615 -33.32 15.05 -4.48
CA VAL A 615 -32.42 15.25 -5.57
C VAL A 615 -32.16 13.93 -6.24
N THR A 616 -31.72 14.04 -7.49
CA THR A 616 -31.28 12.95 -8.27
C THR A 616 -29.82 13.19 -8.64
N VAL A 617 -28.98 12.18 -8.39
CA VAL A 617 -27.55 12.33 -8.66
C VAL A 617 -27.06 11.18 -9.52
N THR A 618 -26.25 11.52 -10.52
CA THR A 618 -25.66 10.54 -11.43
C THR A 618 -24.21 10.85 -11.67
N ASN A 619 -23.49 9.81 -12.13
CA ASN A 619 -22.09 9.89 -12.58
C ASN A 619 -21.14 10.64 -11.64
N VAL A 620 -20.93 10.01 -10.48
CA VAL A 620 -20.13 10.64 -9.45
C VAL A 620 -18.70 10.14 -9.63
N VAL A 621 -17.80 11.05 -9.90
CA VAL A 621 -16.38 10.76 -10.16
C VAL A 621 -15.47 11.36 -9.09
N LEU A 622 -14.44 10.62 -8.71
CA LEU A 622 -13.54 11.03 -7.66
C LEU A 622 -12.11 10.92 -8.18
N TYR A 623 -11.35 12.03 -8.02
CA TYR A 623 -9.96 12.14 -8.47
C TYR A 623 -9.07 12.44 -7.33
N ASN A 624 -7.83 11.96 -7.43
CA ASN A 624 -6.90 12.15 -6.32
C ASN A 624 -6.04 13.38 -6.48
N ARG A 625 -6.59 14.39 -7.15
CA ARG A 625 -5.90 15.62 -7.44
C ARG A 625 -6.94 16.65 -7.84
N ARG A 626 -6.57 17.94 -7.70
CA ARG A 626 -7.39 19.06 -8.19
C ARG A 626 -7.25 19.14 -9.70
N LEU A 627 -8.32 18.91 -10.41
CA LEU A 627 -8.32 19.06 -11.86
C LEU A 627 -8.16 20.55 -12.28
N ASN A 628 -7.65 20.73 -13.49
CA ASN A 628 -7.35 22.07 -13.99
C ASN A 628 -8.60 22.60 -14.71
N SER A 629 -8.53 23.88 -15.15
CA SER A 629 -9.67 24.55 -15.77
C SER A 629 -10.17 23.77 -16.93
N SER A 630 -9.25 23.30 -17.77
CA SER A 630 -9.65 22.61 -19.02
C SER A 630 -10.29 21.22 -18.77
N GLU A 631 -9.81 20.54 -17.74
CA GLU A 631 -10.36 19.27 -17.32
C GLU A 631 -11.75 19.42 -16.81
N ILE A 632 -11.99 20.49 -16.06
CA ILE A 632 -13.31 20.75 -15.51
C ILE A 632 -14.30 21.02 -16.65
N ARG A 633 -13.90 21.90 -17.58
N ARG A 633 -13.91 21.88 -17.60
CA ARG A 633 -14.72 22.19 -18.77
CA ARG A 633 -14.79 22.17 -18.73
C ARG A 633 -15.05 20.92 -19.54
C ARG A 633 -15.06 20.93 -19.57
N THR A 634 -14.01 20.15 -19.82
CA THR A 634 -14.17 18.91 -20.58
C THR A 634 -15.21 18.01 -19.90
N LEU A 635 -15.09 17.78 -18.60
CA LEU A 635 -16.14 17.04 -17.85
C LEU A 635 -17.54 17.66 -17.98
N PHE A 636 -17.66 18.96 -17.80
CA PHE A 636 -18.97 19.63 -17.97
C PHE A 636 -19.54 19.36 -19.40
N LEU A 637 -18.74 19.56 -20.47
CA LEU A 637 -19.19 19.32 -21.86
C LEU A 637 -19.49 17.85 -22.20
N SER A 638 -18.75 16.92 -21.58
CA SER A 638 -19.00 15.50 -21.72
C SER A 638 -19.94 14.78 -20.77
N GLN A 639 -20.66 15.53 -19.92
CA GLN A 639 -21.59 14.94 -18.92
C GLN A 639 -22.39 13.79 -19.41
N ASP A 640 -22.88 13.95 -20.61
CA ASP A 640 -23.83 12.96 -21.17
C ASP A 640 -23.22 11.73 -21.79
N MET A 641 -21.89 11.68 -21.86
CA MET A 641 -21.16 10.64 -22.60
C MET A 641 -20.43 9.56 -21.73
N ILE A 642 -20.31 9.87 -20.44
CA ILE A 642 -19.43 9.08 -19.58
C ILE A 642 -20.12 7.96 -18.78
N GLY A 643 -21.45 7.88 -18.87
CA GLY A 643 -22.24 6.95 -18.09
C GLY A 643 -21.99 5.53 -18.45
N THR A 644 -22.07 4.61 -17.50
CA THR A 644 -22.02 3.19 -17.84
C THR A 644 -23.37 2.59 -18.28
N ASP A 645 -24.47 3.32 -18.14
CA ASP A 645 -25.77 2.85 -18.61
C ASP A 645 -25.74 2.83 -20.12
S SO4 B . -24.50 10.01 9.99
O1 SO4 B . -24.39 8.60 10.42
O2 SO4 B . -25.77 10.68 10.30
O3 SO4 B . -23.47 10.80 10.67
O4 SO4 B . -24.31 10.07 8.55
S SO4 C . 11.05 13.91 12.90
O1 SO4 C . 11.75 12.93 12.07
O2 SO4 C . 10.12 14.69 12.10
O3 SO4 C . 10.35 13.08 13.86
O4 SO4 C . 12.07 14.80 13.54
C1 FSI D . 8.85 -8.90 14.33
F1 FSI D . 10.99 -10.37 14.71
C2 FSI D . 10.11 -8.55 13.50
C3 FSI D . 11.03 -9.77 13.49
C4 FSI D . 12.47 -9.31 13.16
O4 FSI D . 13.30 -10.45 13.02
C5 FSI D . 12.98 -8.40 14.32
N5 FSI D . 14.30 -8.18 14.24
C6 FSI D . 12.07 -7.17 14.31
O6 FSI D . 10.68 -7.58 14.45
C7 FSI D . 12.43 -6.15 15.42
O7 FSI D . 12.34 -6.74 16.71
C8 FSI D . 11.49 -4.95 15.48
O8 FSI D . 11.42 -4.28 14.22
C9 FSI D . 11.92 -4.04 16.66
O9 FSI D . 12.93 -3.12 16.28
C10 FSI D . 15.21 -7.77 15.13
O10 FSI D . 14.98 -7.47 16.33
C11 FSI D . 16.64 -7.62 14.60
O1A FSI D . 8.26 -7.92 14.80
O1B FSI D . 8.42 -10.09 14.54
C1 GOL E . -2.29 3.16 -14.91
O1 GOL E . -3.25 2.37 -14.20
C2 GOL E . -0.90 3.12 -14.24
O2 GOL E . -0.38 1.77 -14.01
C3 GOL E . -1.03 3.98 -12.99
O3 GOL E . -0.33 5.23 -13.07
#